data_6P8J
#
_entry.id   6P8J
#
_cell.length_a   46.484
_cell.length_b   152.166
_cell.length_c   88.255
_cell.angle_alpha   90.00
_cell.angle_beta   90.12
_cell.angle_gamma   90.00
#
_symmetry.space_group_name_H-M   'P 1 21 1'
#
loop_
_entity.id
_entity.type
_entity.pdbx_description
1 polymer Nucleotidyltransferase
2 non-polymer "ADENOSINE-5'-TRIPHOSPHATE"
3 non-polymer 'CHLORIDE ION'
4 non-polymer 'MAGNESIUM ION'
5 water water
#
_entity_poly.entity_id   1
_entity_poly.type   'polypeptide(L)'
_entity_poly.pdbx_seq_one_letter_code
;SNALSIDEAFRKFKSRLELNEREQKNASQRQNEVRDYLQTKFGIARSFLTGSYARYTKTKPLKNINIFFVLKDSEKHYHG
KAASVVLDDFHSALVEKYGSAAVRKQARSINVDFGVHIDAEDNTDYRVVSVDAVPAFDTGDQYEIPDTASGKWIKTDPEI
HKDKATAAHQAYANEWKGLVRMVKYWNNNPKHGDLKPVKPSFLIEVMALECLYGGWGGSFDREIQSFFATLADRVHDEWP
DPAGLGPAISNDMDAARKQRAQQLLFQASQDASIAIDHARRGRNIEALRAWRALFGPKFPLS
;
_entity_poly.pdbx_strand_id   C,A,B,D
#
# COMPACT_ATOMS: atom_id res chain seq x y z
N ALA A 3 -41.51 15.44 8.72
CA ALA A 3 -40.41 16.25 8.14
C ALA A 3 -39.34 15.38 7.49
N LEU A 4 -38.88 15.81 6.33
CA LEU A 4 -38.01 14.97 5.50
C LEU A 4 -36.58 15.01 5.99
N SER A 5 -35.97 13.83 6.11
CA SER A 5 -34.53 13.76 6.21
C SER A 5 -33.93 14.10 4.87
N ILE A 6 -32.65 14.46 4.88
CA ILE A 6 -31.91 14.70 3.64
C ILE A 6 -32.00 13.49 2.72
N ASP A 7 -31.70 12.29 3.25
CA ASP A 7 -31.82 11.06 2.44
C ASP A 7 -33.22 10.91 1.87
N GLU A 8 -34.24 11.08 2.71
CA GLU A 8 -35.61 10.95 2.22
C GLU A 8 -35.92 11.93 1.09
N ALA A 9 -35.44 13.18 1.20
CA ALA A 9 -35.70 14.16 0.16
C ALA A 9 -34.97 13.79 -1.13
N PHE A 10 -33.70 13.35 -1.03
CA PHE A 10 -32.97 12.98 -2.24
C PHE A 10 -33.61 11.76 -2.92
N ARG A 11 -34.09 10.79 -2.14
CA ARG A 11 -34.72 9.62 -2.76
C ARG A 11 -36.05 9.97 -3.43
N LYS A 12 -36.81 10.91 -2.86
CA LYS A 12 -38.00 11.45 -3.54
C LYS A 12 -37.63 12.18 -4.84
N PHE A 13 -36.64 13.06 -4.79
CA PHE A 13 -36.08 13.69 -6.00
C PHE A 13 -35.70 12.63 -7.02
N LYS A 14 -34.98 11.60 -6.61
CA LYS A 14 -34.53 10.54 -7.53
C LYS A 14 -35.72 9.88 -8.22
N SER A 15 -36.78 9.60 -7.46
CA SER A 15 -37.97 8.94 -7.99
C SER A 15 -38.73 9.84 -8.94
N ARG A 16 -38.72 11.15 -8.69
CA ARG A 16 -39.32 12.10 -9.60
C ARG A 16 -38.58 12.18 -10.93
N LEU A 17 -37.31 11.75 -10.97
CA LEU A 17 -36.54 11.77 -12.21
C LEU A 17 -36.50 10.43 -12.91
N GLU A 18 -37.21 9.42 -12.40
CA GLU A 18 -37.17 8.10 -13.00
C GLU A 18 -38.22 8.00 -14.10
N LEU A 19 -37.88 7.30 -15.17
CA LEU A 19 -38.82 7.04 -16.24
C LEU A 19 -39.97 6.17 -15.74
N ASN A 20 -41.20 6.51 -16.11
CA ASN A 20 -42.35 5.69 -15.76
C ASN A 20 -43.03 5.11 -17.01
N GLU A 21 -44.00 4.25 -16.76
CA GLU A 21 -44.61 3.46 -17.82
C GLU A 21 -45.40 4.32 -18.80
N ARG A 22 -46.12 5.33 -18.31
CA ARG A 22 -46.84 6.24 -19.20
C ARG A 22 -45.89 6.99 -20.12
N GLU A 23 -44.76 7.48 -19.58
CA GLU A 23 -43.76 8.14 -20.44
C GLU A 23 -43.17 7.17 -21.46
N GLN A 24 -42.89 5.93 -21.04
CA GLN A 24 -42.36 4.94 -21.97
C GLN A 24 -43.33 4.67 -23.10
N LYS A 25 -44.61 4.51 -22.78
CA LYS A 25 -45.61 4.27 -23.83
C LYS A 25 -45.68 5.44 -24.78
N ASN A 26 -45.54 6.66 -24.26
CA ASN A 26 -45.57 7.82 -25.13
C ASN A 26 -44.34 7.84 -26.05
N ALA A 27 -43.16 7.48 -25.53
CA ALA A 27 -41.97 7.47 -26.39
C ALA A 27 -42.16 6.46 -27.49
N SER A 28 -42.71 5.30 -27.17
CA SER A 28 -42.91 4.27 -28.16
C SER A 28 -43.91 4.72 -29.22
N GLN A 29 -44.93 5.48 -28.82
CA GLN A 29 -45.93 5.94 -29.77
C GLN A 29 -45.33 6.96 -30.72
N ARG A 30 -44.52 7.89 -30.19
CA ARG A 30 -43.84 8.85 -31.07
C ARG A 30 -42.89 8.14 -32.02
N GLN A 31 -42.14 7.13 -31.54
CA GLN A 31 -41.31 6.34 -32.45
C GLN A 31 -42.15 5.80 -33.60
N ASN A 32 -43.29 5.16 -33.30
CA ASN A 32 -44.12 4.61 -34.38
C ASN A 32 -44.51 5.70 -35.37
N GLU A 33 -44.84 6.89 -34.85
CA GLU A 33 -45.34 7.95 -35.71
C GLU A 33 -44.25 8.44 -36.63
N VAL A 34 -43.07 8.69 -36.10
CA VAL A 34 -42.01 9.24 -36.92
C VAL A 34 -41.44 8.18 -37.85
N ARG A 35 -41.33 6.94 -37.37
CA ARG A 35 -40.85 5.88 -38.25
C ARG A 35 -41.80 5.68 -39.41
N ASP A 36 -43.11 5.51 -39.14
CA ASP A 36 -44.03 5.24 -40.23
C ASP A 36 -43.96 6.33 -41.29
N TYR A 37 -43.86 7.59 -40.86
CA TYR A 37 -43.75 8.70 -41.81
C TYR A 37 -42.42 8.66 -42.56
N LEU A 38 -41.30 8.53 -41.85
CA LEU A 38 -40.03 8.58 -42.55
C LEU A 38 -39.88 7.42 -43.52
N GLN A 39 -40.52 6.27 -43.26
CA GLN A 39 -40.45 5.14 -44.18
C GLN A 39 -41.19 5.40 -45.50
N THR A 40 -42.07 6.41 -45.54
CA THR A 40 -42.69 6.85 -46.81
C THR A 40 -41.78 7.76 -47.61
N LYS A 41 -40.72 8.30 -47.00
CA LYS A 41 -39.83 9.22 -47.66
C LYS A 41 -38.45 8.64 -47.96
N PHE A 42 -38.03 7.58 -47.24
CA PHE A 42 -36.71 6.99 -47.31
C PHE A 42 -36.82 5.49 -47.09
N GLY A 43 -35.85 4.74 -47.62
CA GLY A 43 -35.72 3.32 -47.32
C GLY A 43 -35.13 3.11 -45.92
N ILE A 44 -35.96 2.73 -44.96
CA ILE A 44 -35.54 2.59 -43.57
C ILE A 44 -36.03 1.21 -43.12
N ALA A 45 -35.09 0.32 -42.80
CA ALA A 45 -35.42 -1.06 -42.43
C ALA A 45 -36.06 -1.14 -41.05
N ARG A 46 -35.61 -0.33 -40.10
CA ARG A 46 -36.01 -0.44 -38.70
C ARG A 46 -35.56 0.84 -38.00
N SER A 47 -36.08 1.05 -36.79
CA SER A 47 -35.63 2.16 -35.93
C SER A 47 -35.49 1.63 -34.50
N PHE A 48 -34.80 2.41 -33.65
CA PHE A 48 -34.75 2.04 -32.23
C PHE A 48 -34.47 3.27 -31.37
N LEU A 49 -35.10 3.28 -30.19
CA LEU A 49 -34.83 4.25 -29.15
C LEU A 49 -33.46 3.99 -28.54
N THR A 50 -32.65 5.04 -28.37
CA THR A 50 -31.28 4.88 -27.91
C THR A 50 -30.79 6.15 -27.20
N GLY A 51 -29.47 6.23 -26.98
CA GLY A 51 -28.86 7.27 -26.18
C GLY A 51 -29.27 7.13 -24.72
N SER A 52 -29.19 8.27 -24.02
CA SER A 52 -29.41 8.29 -22.58
C SER A 52 -30.79 7.75 -22.20
N TYR A 53 -31.80 7.95 -23.06
CA TYR A 53 -33.13 7.43 -22.80
C TYR A 53 -33.09 5.93 -22.53
N ALA A 54 -32.36 5.18 -23.37
CA ALA A 54 -32.26 3.74 -23.23
C ALA A 54 -31.36 3.29 -22.08
N ARG A 55 -30.50 4.17 -21.58
CA ARG A 55 -29.63 3.88 -20.45
C ARG A 55 -30.24 4.27 -19.11
N TYR A 56 -31.42 4.87 -19.12
CA TYR A 56 -32.05 5.39 -17.91
C TYR A 56 -31.18 6.48 -17.28
N THR A 57 -30.52 7.28 -18.11
CA THR A 57 -29.71 8.42 -17.65
C THR A 57 -30.18 9.73 -18.23
N LYS A 58 -31.39 9.77 -18.78
CA LYS A 58 -31.97 11.00 -19.28
C LYS A 58 -32.79 11.65 -18.18
N THR A 59 -32.58 12.95 -17.97
CA THR A 59 -33.27 13.63 -16.89
C THR A 59 -34.65 14.12 -17.36
N LYS A 60 -35.40 14.73 -16.48
CA LYS A 60 -36.74 15.20 -16.77
C LYS A 60 -36.76 16.72 -16.92
N PRO A 61 -37.67 17.27 -17.74
CA PRO A 61 -38.58 16.55 -18.62
C PRO A 61 -37.84 15.89 -19.76
N LEU A 62 -38.47 14.89 -20.37
CA LEU A 62 -37.82 14.05 -21.36
C LEU A 62 -37.78 14.76 -22.70
N LYS A 63 -36.59 15.23 -23.06
CA LYS A 63 -36.34 15.96 -24.29
C LYS A 63 -35.26 15.25 -25.08
N ASN A 64 -35.29 15.42 -26.40
CA ASN A 64 -34.17 15.04 -27.29
C ASN A 64 -33.85 13.56 -27.18
N ILE A 65 -34.92 12.74 -27.27
CA ILE A 65 -34.80 11.29 -27.22
C ILE A 65 -34.34 10.82 -28.59
N ASN A 66 -33.18 10.19 -28.63
CA ASN A 66 -32.62 9.74 -29.90
C ASN A 66 -33.34 8.51 -30.44
N ILE A 67 -33.66 8.58 -31.72
CA ILE A 67 -34.12 7.42 -32.46
C ILE A 67 -33.20 7.27 -33.65
N PHE A 68 -32.54 6.12 -33.75
CA PHE A 68 -31.71 5.78 -34.90
C PHE A 68 -32.65 5.18 -35.97
N PHE A 69 -32.62 5.77 -37.17
CA PHE A 69 -33.39 5.28 -38.32
C PHE A 69 -32.41 4.59 -39.26
N VAL A 70 -32.45 3.27 -39.29
CA VAL A 70 -31.45 2.46 -39.96
C VAL A 70 -31.75 2.40 -41.46
N LEU A 71 -30.88 3.02 -42.27
CA LEU A 71 -31.07 3.18 -43.70
C LEU A 71 -30.74 1.89 -44.46
N LYS A 72 -31.59 1.57 -45.43
CA LYS A 72 -31.44 0.38 -46.26
C LYS A 72 -30.32 0.56 -47.25
N ASP A 73 -29.87 -0.57 -47.81
CA ASP A 73 -28.87 -0.55 -48.88
C ASP A 73 -29.28 0.37 -50.05
N SER A 74 -30.59 0.49 -50.32
CA SER A 74 -31.03 1.40 -51.38
C SER A 74 -30.67 2.86 -51.11
N GLU A 75 -30.33 3.21 -49.86
CA GLU A 75 -29.97 4.58 -49.49
C GLU A 75 -28.47 4.73 -49.25
N LYS A 76 -27.68 3.72 -49.66
CA LYS A 76 -26.26 3.73 -49.35
C LYS A 76 -25.55 4.92 -49.98
N HIS A 77 -26.11 5.51 -51.04
CA HIS A 77 -25.54 6.74 -51.62
C HIS A 77 -25.28 7.80 -50.53
N TYR A 78 -26.12 7.87 -49.51
CA TYR A 78 -25.91 8.89 -48.48
C TYR A 78 -24.58 8.69 -47.76
N HIS A 79 -24.11 7.44 -47.63
CA HIS A 79 -22.92 7.18 -46.83
C HIS A 79 -21.68 7.83 -47.43
N GLY A 80 -21.61 7.96 -48.75
CA GLY A 80 -20.50 8.60 -49.41
C GLY A 80 -20.68 10.08 -49.68
N LYS A 81 -21.73 10.71 -49.15
CA LYS A 81 -22.01 12.12 -49.30
C LYS A 81 -21.81 12.85 -47.98
N ALA A 82 -21.68 14.16 -48.08
CA ALA A 82 -21.47 14.98 -46.91
C ALA A 82 -22.62 14.80 -45.92
N ALA A 83 -22.28 15.00 -44.65
CA ALA A 83 -23.27 14.90 -43.58
C ALA A 83 -24.49 15.80 -43.81
N SER A 84 -24.27 17.01 -44.31
CA SER A 84 -25.38 17.95 -44.51
C SER A 84 -26.39 17.49 -45.55
N VAL A 85 -26.03 16.52 -46.40
CA VAL A 85 -26.95 16.12 -47.47
C VAL A 85 -28.08 15.27 -46.90
N VAL A 86 -27.74 14.21 -46.15
CA VAL A 86 -28.79 13.39 -45.51
C VAL A 86 -29.55 14.20 -44.46
N LEU A 87 -28.86 15.07 -43.73
CA LEU A 87 -29.55 15.88 -42.72
C LEU A 87 -30.51 16.86 -43.37
N ASP A 88 -30.11 17.45 -44.50
CA ASP A 88 -31.02 18.30 -45.27
C ASP A 88 -32.26 17.53 -45.69
N ASP A 89 -32.09 16.31 -46.19
CA ASP A 89 -33.24 15.55 -46.67
C ASP A 89 -34.18 15.18 -45.51
N PHE A 90 -33.62 14.70 -44.39
CA PHE A 90 -34.42 14.46 -43.19
C PHE A 90 -35.11 15.75 -42.71
N HIS A 91 -34.38 16.86 -42.69
CA HIS A 91 -34.96 18.14 -42.28
C HIS A 91 -36.15 18.54 -43.15
N SER A 92 -36.01 18.44 -44.47
CA SER A 92 -37.09 18.88 -45.34
C SER A 92 -38.34 18.01 -45.16
N ALA A 93 -38.14 16.69 -45.08
CA ALA A 93 -39.25 15.77 -44.81
C ALA A 93 -39.96 16.11 -43.51
N LEU A 94 -39.21 16.35 -42.46
CA LEU A 94 -39.88 16.53 -41.18
C LEU A 94 -40.54 17.91 -41.08
N VAL A 95 -39.97 18.94 -41.67
CA VAL A 95 -40.64 20.24 -41.77
C VAL A 95 -41.95 20.13 -42.54
N GLU A 96 -41.95 19.36 -43.63
CA GLU A 96 -43.17 19.21 -44.41
C GLU A 96 -44.32 18.74 -43.54
N LYS A 97 -44.06 17.84 -42.58
CA LYS A 97 -45.10 17.29 -41.72
C LYS A 97 -45.36 18.14 -40.48
N TYR A 98 -44.32 18.63 -39.80
CA TYR A 98 -44.47 19.27 -38.50
C TYR A 98 -44.31 20.79 -38.53
N GLY A 99 -43.90 21.39 -39.63
CA GLY A 99 -43.72 22.84 -39.74
C GLY A 99 -42.33 23.28 -39.30
N SER A 100 -41.88 24.40 -39.86
CA SER A 100 -40.51 24.85 -39.59
C SER A 100 -40.25 25.14 -38.11
N ALA A 101 -41.24 25.67 -37.38
CA ALA A 101 -40.98 26.03 -35.99
C ALA A 101 -40.67 24.81 -35.12
N ALA A 102 -41.19 23.65 -35.49
CA ALA A 102 -41.06 22.44 -34.68
C ALA A 102 -39.78 21.66 -34.96
N VAL A 103 -39.01 22.01 -35.99
CA VAL A 103 -37.94 21.16 -36.49
C VAL A 103 -36.64 21.93 -36.54
N ARG A 104 -35.56 21.33 -36.01
CA ARG A 104 -34.28 22.02 -35.87
C ARG A 104 -33.14 21.09 -36.26
N LYS A 105 -32.26 21.58 -37.13
CA LYS A 105 -31.05 20.83 -37.46
C LYS A 105 -30.09 20.85 -36.29
N GLN A 106 -29.47 19.71 -36.03
CA GLN A 106 -28.47 19.58 -34.98
C GLN A 106 -27.23 18.95 -35.59
N ALA A 107 -26.21 18.72 -34.76
CA ALA A 107 -24.92 18.26 -35.31
C ALA A 107 -25.02 16.87 -35.91
N ARG A 108 -25.74 15.96 -35.24
CA ARG A 108 -25.82 14.56 -35.63
C ARG A 108 -27.26 14.06 -35.62
N SER A 109 -28.21 14.97 -35.83
CA SER A 109 -29.61 14.59 -35.78
C SER A 109 -30.45 15.78 -36.24
N ILE A 110 -31.74 15.52 -36.49
CA ILE A 110 -32.79 16.53 -36.61
C ILE A 110 -33.71 16.40 -35.41
N ASN A 111 -33.94 17.51 -34.69
CA ASN A 111 -34.86 17.53 -33.56
C ASN A 111 -36.27 17.80 -34.04
N VAL A 112 -37.23 17.03 -33.51
CA VAL A 112 -38.66 17.23 -33.75
C VAL A 112 -39.30 17.49 -32.42
N ASP A 113 -39.94 18.64 -32.30
CA ASP A 113 -40.57 19.09 -31.06
C ASP A 113 -42.08 18.97 -31.27
N PHE A 114 -42.74 18.21 -30.40
CA PHE A 114 -44.13 17.85 -30.61
C PHE A 114 -45.11 18.89 -30.09
N GLY A 115 -44.62 20.02 -29.55
CA GLY A 115 -45.52 21.06 -29.08
C GLY A 115 -46.20 20.75 -27.77
N VAL A 116 -45.61 19.86 -26.99
CA VAL A 116 -46.14 19.43 -25.71
C VAL A 116 -45.83 20.50 -24.68
N HIS A 117 -46.83 20.88 -23.89
CA HIS A 117 -46.61 21.93 -22.91
C HIS A 117 -45.86 21.42 -21.69
N ILE A 118 -44.76 22.07 -21.37
CA ILE A 118 -43.98 21.85 -20.16
C ILE A 118 -44.38 22.96 -19.20
N ASP A 119 -45.12 22.62 -18.13
CA ASP A 119 -45.47 23.66 -17.16
C ASP A 119 -44.24 24.04 -16.34
N ALA A 120 -44.42 25.02 -15.44
CA ALA A 120 -43.28 25.57 -14.68
C ALA A 120 -42.74 24.60 -13.65
N GLU A 121 -43.45 23.51 -13.36
CA GLU A 121 -42.98 22.48 -12.43
C GLU A 121 -42.30 21.33 -13.14
N ASP A 122 -42.06 21.46 -14.44
CA ASP A 122 -41.42 20.43 -15.26
C ASP A 122 -42.31 19.21 -15.49
N ASN A 123 -43.62 19.42 -15.50
CA ASN A 123 -44.59 18.36 -15.74
C ASN A 123 -45.16 18.51 -17.13
N THR A 124 -45.37 17.37 -17.80
CA THR A 124 -45.87 17.36 -19.16
C THR A 124 -47.09 16.45 -19.31
N ASP A 125 -47.71 16.04 -18.20
CA ASP A 125 -48.74 15.00 -18.26
C ASP A 125 -48.22 13.75 -18.94
N TYR A 126 -46.99 13.37 -18.59
CA TYR A 126 -46.41 12.08 -18.95
C TYR A 126 -46.16 11.95 -20.45
N ARG A 127 -45.82 13.04 -21.12
CA ARG A 127 -45.53 13.04 -22.54
C ARG A 127 -44.08 13.47 -22.80
N VAL A 128 -43.44 12.86 -23.80
CA VAL A 128 -42.10 13.25 -24.18
C VAL A 128 -42.19 14.55 -24.97
N VAL A 129 -41.15 15.36 -24.81
CA VAL A 129 -41.13 16.69 -25.41
C VAL A 129 -40.70 16.65 -26.86
N SER A 130 -39.66 15.88 -27.16
CA SER A 130 -39.05 15.91 -28.50
C SER A 130 -38.19 14.68 -28.72
N VAL A 131 -37.92 14.42 -29.99
CA VAL A 131 -37.03 13.35 -30.42
C VAL A 131 -35.93 13.91 -31.31
N ASP A 132 -34.75 13.29 -31.21
CA ASP A 132 -33.61 13.54 -32.10
C ASP A 132 -33.61 12.41 -33.13
N ALA A 133 -33.94 12.73 -34.38
CA ALA A 133 -34.03 11.72 -35.45
C ALA A 133 -32.64 11.60 -36.10
N VAL A 134 -32.07 10.40 -36.03
CA VAL A 134 -30.68 10.18 -36.44
C VAL A 134 -30.65 9.26 -37.66
N PRO A 135 -30.29 9.74 -38.83
CA PRO A 135 -29.96 8.81 -39.93
C PRO A 135 -28.79 7.92 -39.51
N ALA A 136 -28.88 6.62 -39.80
CA ALA A 136 -27.84 5.70 -39.37
C ALA A 136 -27.65 4.57 -40.35
N PHE A 137 -26.40 4.14 -40.46
CA PHE A 137 -26.06 2.92 -41.20
C PHE A 137 -25.51 1.91 -40.21
N ASP A 138 -26.04 0.68 -40.25
CA ASP A 138 -25.49 -0.44 -39.49
C ASP A 138 -24.37 -1.06 -40.31
N THR A 139 -23.13 -0.88 -39.87
CA THR A 139 -21.98 -1.34 -40.63
C THR A 139 -21.54 -2.74 -40.22
N GLY A 140 -22.22 -3.34 -39.25
CA GLY A 140 -21.84 -4.65 -38.76
C GLY A 140 -21.37 -4.56 -37.32
N ASP A 141 -20.16 -4.05 -37.11
CA ASP A 141 -19.63 -3.95 -35.77
C ASP A 141 -20.34 -2.87 -34.97
N GLN A 142 -20.75 -1.79 -35.63
CA GLN A 142 -21.34 -0.65 -34.94
C GLN A 142 -22.27 0.07 -35.91
N TYR A 143 -22.55 1.35 -35.64
CA TYR A 143 -23.34 2.21 -36.49
C TYR A 143 -22.47 3.37 -36.96
N GLU A 144 -22.85 3.98 -38.09
CA GLU A 144 -22.30 5.27 -38.51
C GLU A 144 -23.41 6.29 -38.69
N ILE A 145 -23.16 7.50 -38.18
CA ILE A 145 -24.16 8.57 -38.20
C ILE A 145 -23.48 9.84 -38.72
N PRO A 146 -24.27 10.81 -39.16
CA PRO A 146 -23.68 12.02 -39.73
C PRO A 146 -23.04 12.91 -38.68
N ASP A 147 -21.95 13.59 -39.07
CA ASP A 147 -21.16 14.44 -38.16
C ASP A 147 -20.98 15.82 -38.82
N THR A 148 -21.76 16.82 -38.38
CA THR A 148 -21.63 18.15 -38.96
C THR A 148 -20.24 18.74 -38.77
N ALA A 149 -19.62 18.51 -37.61
CA ALA A 149 -18.33 19.12 -37.34
C ALA A 149 -17.29 18.77 -38.40
N SER A 150 -17.22 17.50 -38.80
CA SER A 150 -16.25 17.07 -39.79
C SER A 150 -16.80 17.09 -41.21
N GLY A 151 -18.11 17.17 -41.38
CA GLY A 151 -18.73 17.06 -42.67
C GLY A 151 -18.96 15.65 -43.13
N LYS A 152 -18.54 14.66 -42.34
CA LYS A 152 -18.55 13.26 -42.76
C LYS A 152 -19.36 12.42 -41.79
N TRP A 153 -19.10 11.12 -41.74
CA TRP A 153 -19.80 10.18 -40.89
C TRP A 153 -18.84 9.68 -39.82
N ILE A 154 -19.37 9.50 -38.60
CA ILE A 154 -18.60 8.95 -37.49
C ILE A 154 -19.19 7.63 -36.98
N LYS A 155 -18.32 6.82 -36.40
CA LYS A 155 -18.72 5.58 -35.76
C LYS A 155 -19.21 5.80 -34.33
N THR A 156 -20.25 5.05 -33.94
CA THR A 156 -20.76 5.03 -32.58
C THR A 156 -21.33 3.65 -32.28
N ASP A 157 -21.14 3.20 -31.04
CA ASP A 157 -21.72 1.95 -30.54
C ASP A 157 -22.44 2.28 -29.23
N PRO A 158 -23.71 2.64 -29.32
CA PRO A 158 -24.48 2.96 -28.10
C PRO A 158 -24.56 1.80 -27.13
N GLU A 159 -24.34 0.57 -27.58
CA GLU A 159 -24.40 -0.58 -26.68
C GLU A 159 -23.19 -0.60 -25.76
N ILE A 160 -22.04 -0.08 -26.21
CA ILE A 160 -20.91 0.04 -25.32
C ILE A 160 -21.21 1.08 -24.26
N HIS A 161 -21.84 2.18 -24.64
CA HIS A 161 -22.20 3.21 -23.66
C HIS A 161 -23.17 2.66 -22.64
N LYS A 162 -24.16 1.88 -23.10
CA LYS A 162 -25.13 1.27 -22.21
C LYS A 162 -24.47 0.29 -21.25
N ASP A 163 -23.61 -0.60 -21.78
CA ASP A 163 -22.95 -1.58 -20.93
C ASP A 163 -22.10 -0.91 -19.86
N LYS A 164 -21.44 0.19 -20.20
N LYS A 164 -21.43 0.18 -20.21
CA LYS A 164 -20.55 0.78 -19.22
CA LYS A 164 -20.53 0.80 -19.25
C LYS A 164 -21.32 1.61 -18.21
C LYS A 164 -21.30 1.63 -18.22
N ALA A 165 -22.44 2.22 -18.62
CA ALA A 165 -23.31 2.86 -17.64
C ALA A 165 -23.84 1.82 -16.66
N THR A 166 -24.27 0.66 -17.17
CA THR A 166 -24.73 -0.40 -16.29
C THR A 166 -23.63 -0.86 -15.35
N ALA A 167 -22.38 -0.98 -15.83
CA ALA A 167 -21.30 -1.43 -14.97
C ALA A 167 -20.98 -0.41 -13.88
N ALA A 168 -20.98 0.88 -14.24
CA ALA A 168 -20.75 1.90 -13.21
C ALA A 168 -21.85 1.87 -12.17
N HIS A 169 -23.08 1.61 -12.60
CA HIS A 169 -24.25 1.64 -11.72
C HIS A 169 -24.19 0.46 -10.76
N GLN A 170 -23.79 -0.72 -11.26
CA GLN A 170 -23.66 -1.87 -10.35
C GLN A 170 -22.54 -1.69 -9.35
N ALA A 171 -21.50 -0.95 -9.71
CA ALA A 171 -20.40 -0.69 -8.79
C ALA A 171 -20.69 0.46 -7.83
N TYR A 172 -21.84 1.10 -7.97
CA TYR A 172 -22.23 2.25 -7.16
C TYR A 172 -23.55 1.98 -6.43
N ALA A 173 -23.78 0.72 -6.05
CA ALA A 173 -24.96 0.34 -5.28
C ALA A 173 -26.25 0.86 -5.92
N ASN A 174 -26.30 0.82 -7.27
CA ASN A 174 -27.46 1.21 -8.06
C ASN A 174 -27.86 2.69 -7.83
N GLU A 175 -26.89 3.54 -7.50
CA GLU A 175 -27.15 4.96 -7.34
C GLU A 175 -26.49 5.84 -8.39
N TRP A 176 -25.68 5.26 -9.29
CA TRP A 176 -24.94 6.07 -10.27
C TRP A 176 -25.88 6.79 -11.24
N LYS A 177 -26.82 6.05 -11.85
CA LYS A 177 -27.68 6.66 -12.85
C LYS A 177 -28.47 7.82 -12.28
N GLY A 178 -28.99 7.67 -11.05
CA GLY A 178 -29.76 8.75 -10.44
C GLY A 178 -28.93 10.00 -10.19
N LEU A 179 -27.69 9.82 -9.74
CA LEU A 179 -26.81 10.96 -9.50
C LEU A 179 -26.51 11.69 -10.79
N VAL A 180 -26.31 10.95 -11.88
CA VAL A 180 -26.14 11.57 -13.19
C VAL A 180 -27.38 12.38 -13.57
N ARG A 181 -28.58 11.80 -13.44
CA ARG A 181 -29.81 12.51 -13.80
C ARG A 181 -29.99 13.78 -12.96
N MET A 182 -29.57 13.73 -11.69
CA MET A 182 -29.70 14.91 -10.83
C MET A 182 -28.81 16.05 -11.32
N VAL A 183 -27.56 15.75 -11.68
CA VAL A 183 -26.65 16.79 -12.17
C VAL A 183 -27.11 17.28 -13.54
N LYS A 184 -27.64 16.40 -14.38
CA LYS A 184 -28.20 16.87 -15.65
C LYS A 184 -29.38 17.80 -15.41
N TYR A 185 -30.20 17.54 -14.38
CA TYR A 185 -31.30 18.44 -14.03
C TYR A 185 -30.76 19.82 -13.65
N TRP A 186 -29.70 19.86 -12.84
CA TRP A 186 -29.04 21.13 -12.50
C TRP A 186 -28.50 21.82 -13.75
N ASN A 187 -27.91 21.06 -14.67
CA ASN A 187 -27.32 21.64 -15.87
C ASN A 187 -28.37 22.31 -16.73
N ASN A 188 -29.62 21.86 -16.63
CA ASN A 188 -30.72 22.36 -17.41
C ASN A 188 -31.46 23.53 -16.74
N ASN A 189 -31.06 23.91 -15.55
CA ASN A 189 -31.79 24.90 -14.76
C ASN A 189 -31.84 26.25 -15.50
N PRO A 190 -33.03 26.81 -15.73
CA PRO A 190 -33.14 28.14 -16.38
C PRO A 190 -32.36 29.24 -15.68
N LYS A 191 -32.08 29.11 -14.38
CA LYS A 191 -31.34 30.14 -13.65
C LYS A 191 -29.97 30.42 -14.26
N HIS A 192 -29.41 29.48 -15.04
CA HIS A 192 -28.09 29.70 -15.62
C HIS A 192 -28.13 30.51 -16.89
N GLY A 193 -29.30 30.77 -17.42
CA GLY A 193 -29.45 31.51 -18.65
C GLY A 193 -29.82 30.61 -19.80
N ASP A 194 -29.54 31.12 -21.00
N ASP A 194 -29.57 31.11 -21.01
CA ASP A 194 -29.86 30.43 -22.25
CA ASP A 194 -29.92 30.35 -22.20
C ASP A 194 -28.89 29.30 -22.54
C ASP A 194 -28.88 29.30 -22.57
N LEU A 195 -27.66 29.40 -22.03
CA LEU A 195 -26.60 28.44 -22.33
C LEU A 195 -26.35 27.58 -21.11
N LYS A 196 -26.39 26.25 -21.29
CA LYS A 196 -26.19 25.38 -20.16
C LYS A 196 -24.74 25.46 -19.67
N PRO A 197 -24.50 25.17 -18.40
CA PRO A 197 -23.10 25.15 -17.89
C PRO A 197 -22.20 24.21 -18.67
N VAL A 198 -22.64 22.97 -18.88
CA VAL A 198 -21.86 21.95 -19.57
C VAL A 198 -22.58 21.58 -20.88
N LYS A 199 -21.84 21.62 -22.01
CA LYS A 199 -22.37 21.23 -23.31
C LYS A 199 -21.44 20.21 -23.95
N PRO A 200 -21.96 19.08 -24.45
CA PRO A 200 -23.34 18.61 -24.40
C PRO A 200 -23.68 17.99 -23.05
N SER A 201 -24.98 17.78 -22.83
CA SER A 201 -25.42 17.16 -21.59
C SER A 201 -24.76 15.79 -21.43
N PHE A 202 -24.59 15.08 -22.55
CA PHE A 202 -23.94 13.78 -22.54
C PHE A 202 -22.54 13.82 -21.91
N LEU A 203 -21.86 14.96 -21.96
CA LEU A 203 -20.53 15.03 -21.34
C LEU A 203 -20.58 14.78 -19.84
N ILE A 204 -21.68 15.12 -19.18
CA ILE A 204 -21.81 14.89 -17.75
C ILE A 204 -21.72 13.41 -17.44
N GLU A 205 -22.39 12.60 -18.26
CA GLU A 205 -22.39 11.16 -18.12
C GLU A 205 -21.03 10.55 -18.45
N VAL A 206 -20.41 11.01 -19.53
CA VAL A 206 -19.05 10.55 -19.87
C VAL A 206 -18.10 10.85 -18.71
N MET A 207 -18.13 12.07 -18.21
CA MET A 207 -17.25 12.41 -17.09
C MET A 207 -17.53 11.55 -15.86
N ALA A 208 -18.82 11.29 -15.59
CA ALA A 208 -19.22 10.55 -14.39
C ALA A 208 -18.67 9.15 -14.37
N LEU A 209 -18.31 8.60 -15.54
CA LEU A 209 -17.74 7.25 -15.54
C LEU A 209 -16.45 7.20 -14.74
N GLU A 210 -15.75 8.33 -14.69
CA GLU A 210 -14.50 8.47 -13.93
C GLU A 210 -14.66 9.33 -12.68
N CYS A 211 -15.58 10.31 -12.67
CA CYS A 211 -15.66 11.29 -11.58
C CYS A 211 -16.53 10.85 -10.41
N LEU A 212 -17.25 9.73 -10.55
CA LEU A 212 -17.85 8.99 -9.45
C LEU A 212 -17.00 7.74 -9.28
N TYR A 213 -16.45 7.53 -8.09
CA TYR A 213 -15.50 6.45 -7.89
C TYR A 213 -15.52 6.02 -6.44
N GLY A 214 -14.91 4.87 -6.18
CA GLY A 214 -14.84 4.35 -4.83
C GLY A 214 -16.12 3.74 -4.32
N GLY A 215 -17.07 3.46 -5.20
CA GLY A 215 -18.34 2.94 -4.77
C GLY A 215 -19.21 4.00 -4.08
N TRP A 216 -20.43 3.59 -3.75
CA TRP A 216 -21.39 4.48 -3.09
C TRP A 216 -20.97 4.72 -1.64
N GLY A 217 -20.97 5.99 -1.25
CA GLY A 217 -20.49 6.40 0.06
C GLY A 217 -21.54 6.39 1.15
N GLY A 218 -22.82 6.38 0.79
CA GLY A 218 -23.92 6.21 1.73
C GLY A 218 -24.81 7.41 1.92
N SER A 219 -24.37 8.59 1.48
CA SER A 219 -25.09 9.84 1.70
C SER A 219 -25.14 10.63 0.41
N PHE A 220 -26.36 10.96 -0.03
CA PHE A 220 -26.55 11.73 -1.26
C PHE A 220 -25.87 13.09 -1.16
N ASP A 221 -25.99 13.78 -0.02
CA ASP A 221 -25.55 15.17 -0.03
C ASP A 221 -24.04 15.28 -0.17
N ARG A 222 -23.30 14.41 0.51
CA ARG A 222 -21.84 14.40 0.34
C ARG A 222 -21.46 13.94 -1.05
N GLU A 223 -22.16 12.94 -1.60
CA GLU A 223 -21.85 12.44 -2.94
C GLU A 223 -22.01 13.53 -3.98
N ILE A 224 -23.10 14.31 -3.89
CA ILE A 224 -23.34 15.37 -4.85
C ILE A 224 -22.28 16.46 -4.72
N GLN A 225 -21.98 16.88 -3.49
CA GLN A 225 -20.94 17.89 -3.25
C GLN A 225 -19.62 17.49 -3.92
N SER A 226 -19.17 16.25 -3.68
CA SER A 226 -17.89 15.78 -4.19
C SER A 226 -17.94 15.61 -5.71
N PHE A 227 -19.10 15.17 -6.21
CA PHE A 227 -19.29 15.01 -7.64
C PHE A 227 -19.13 16.36 -8.34
N PHE A 228 -19.80 17.40 -7.85
CA PHE A 228 -19.63 18.72 -8.45
C PHE A 228 -18.17 19.17 -8.38
N ALA A 229 -17.52 18.94 -7.24
CA ALA A 229 -16.15 19.43 -7.06
C ALA A 229 -15.22 18.76 -8.04
N THR A 230 -15.37 17.44 -8.21
CA THR A 230 -14.58 16.69 -9.16
C THR A 230 -14.87 17.12 -10.60
N LEU A 231 -16.15 17.33 -10.94
CA LEU A 231 -16.47 17.78 -12.31
C LEU A 231 -15.83 19.14 -12.60
N ALA A 232 -15.81 20.04 -11.60
CA ALA A 232 -15.18 21.34 -11.79
C ALA A 232 -13.69 21.18 -12.08
N ASP A 233 -13.03 20.33 -11.30
CA ASP A 233 -11.60 20.11 -11.42
C ASP A 233 -11.21 19.41 -12.71
N ARG A 234 -12.14 18.67 -13.35
CA ARG A 234 -11.79 17.85 -14.50
C ARG A 234 -12.43 18.27 -15.82
N VAL A 235 -13.26 19.32 -15.84
CA VAL A 235 -13.96 19.68 -17.06
C VAL A 235 -13.02 20.12 -18.18
N HIS A 236 -11.78 20.52 -17.87
CA HIS A 236 -10.83 20.91 -18.90
C HIS A 236 -10.02 19.72 -19.42
N ASP A 237 -10.18 18.53 -18.83
CA ASP A 237 -9.44 17.39 -19.35
C ASP A 237 -10.01 16.99 -20.70
N GLU A 238 -9.21 16.27 -21.47
CA GLU A 238 -9.73 15.60 -22.67
C GLU A 238 -10.63 14.46 -22.27
N TRP A 239 -11.78 14.35 -22.96
CA TRP A 239 -12.78 13.32 -22.66
C TRP A 239 -13.14 12.62 -23.97
N PRO A 240 -12.38 11.59 -24.33
CA PRO A 240 -12.70 10.89 -25.58
C PRO A 240 -14.02 10.14 -25.48
N ASP A 241 -14.57 9.76 -26.63
CA ASP A 241 -15.63 8.77 -26.65
C ASP A 241 -15.15 7.56 -25.84
N PRO A 242 -15.86 7.17 -24.77
CA PRO A 242 -15.37 6.04 -23.96
C PRO A 242 -15.17 4.76 -24.76
N ALA A 243 -16.06 4.50 -25.73
CA ALA A 243 -15.97 3.34 -26.60
C ALA A 243 -14.85 3.44 -27.62
N GLY A 244 -14.24 4.62 -27.78
CA GLY A 244 -13.10 4.76 -28.65
C GLY A 244 -13.42 4.76 -30.13
N LEU A 245 -14.66 5.07 -30.49
CA LEU A 245 -15.10 4.98 -31.87
C LEU A 245 -15.30 6.33 -32.53
N GLY A 246 -15.94 7.27 -31.81
CA GLY A 246 -16.27 8.56 -32.36
C GLY A 246 -15.32 9.64 -31.88
N PRO A 247 -15.57 10.87 -32.30
CA PRO A 247 -14.70 12.00 -31.89
C PRO A 247 -14.85 12.29 -30.40
N ALA A 248 -13.92 13.09 -29.87
CA ALA A 248 -13.95 13.40 -28.45
C ALA A 248 -15.21 14.18 -28.09
N ILE A 249 -15.66 14.01 -26.83
CA ILE A 249 -16.91 14.60 -26.37
C ILE A 249 -16.70 16.02 -25.87
N SER A 250 -15.46 16.41 -25.64
CA SER A 250 -15.12 17.64 -24.92
C SER A 250 -14.79 18.82 -25.83
N ASN A 251 -15.06 18.74 -27.14
CA ASN A 251 -14.70 19.85 -28.02
C ASN A 251 -15.87 20.72 -28.45
N ASP A 252 -17.01 20.61 -27.81
CA ASP A 252 -18.13 21.47 -28.17
C ASP A 252 -18.12 22.81 -27.44
N MET A 253 -17.26 22.99 -26.44
CA MET A 253 -17.16 24.25 -25.72
C MET A 253 -15.84 24.94 -26.08
N ASP A 254 -15.91 26.22 -26.44
CA ASP A 254 -14.71 27.02 -26.60
C ASP A 254 -14.14 27.36 -25.23
N ALA A 255 -13.02 28.06 -25.23
CA ALA A 255 -12.25 28.24 -24.00
C ALA A 255 -13.05 29.00 -22.95
N ALA A 256 -13.72 30.10 -23.35
CA ALA A 256 -14.51 30.88 -22.40
C ALA A 256 -15.66 30.06 -21.87
N ARG A 257 -16.21 29.18 -22.70
CA ARG A 257 -17.33 28.35 -22.29
C ARG A 257 -16.90 27.32 -21.26
N LYS A 258 -15.70 26.76 -21.42
CA LYS A 258 -15.19 25.79 -20.45
C LYS A 258 -14.82 26.47 -19.14
N GLN A 259 -14.29 27.70 -19.20
CA GLN A 259 -14.01 28.40 -17.96
C GLN A 259 -15.31 28.67 -17.20
N ARG A 260 -16.37 29.03 -17.92
CA ARG A 260 -17.66 29.24 -17.30
C ARG A 260 -18.20 27.93 -16.72
N ALA A 261 -18.02 26.84 -17.45
CA ALA A 261 -18.43 25.53 -16.96
C ALA A 261 -17.76 25.24 -15.63
N GLN A 262 -16.44 25.45 -15.55
CA GLN A 262 -15.71 25.17 -14.32
C GLN A 262 -16.18 26.06 -13.18
N GLN A 263 -16.44 27.33 -13.46
CA GLN A 263 -16.91 28.25 -12.43
C GLN A 263 -18.29 27.85 -11.90
N LEU A 264 -19.22 27.50 -12.79
CA LEU A 264 -20.57 27.14 -12.33
C LEU A 264 -20.58 25.80 -11.60
N LEU A 265 -19.80 24.83 -12.07
CA LEU A 265 -19.70 23.56 -11.33
C LEU A 265 -19.12 23.80 -9.94
N PHE A 266 -18.08 24.65 -9.85
CA PHE A 266 -17.48 24.90 -8.55
C PHE A 266 -18.43 25.66 -7.64
N GLN A 267 -19.13 26.65 -8.19
CA GLN A 267 -20.20 27.30 -7.43
C GLN A 267 -21.22 26.29 -6.90
N ALA A 268 -21.64 25.34 -7.74
CA ALA A 268 -22.57 24.31 -7.24
C ALA A 268 -21.97 23.53 -6.07
N SER A 269 -20.68 23.23 -6.15
CA SER A 269 -20.05 22.49 -5.06
C SER A 269 -20.03 23.32 -3.79
N GLN A 270 -19.93 24.64 -3.92
CA GLN A 270 -19.95 25.48 -2.72
C GLN A 270 -21.38 25.59 -2.18
N ASP A 271 -22.37 25.71 -3.08
CA ASP A 271 -23.76 25.74 -2.65
C ASP A 271 -24.15 24.46 -1.92
N ALA A 272 -23.64 23.33 -2.39
CA ALA A 272 -23.89 22.05 -1.74
C ALA A 272 -23.23 22.00 -0.37
N SER A 273 -22.01 22.54 -0.24
CA SER A 273 -21.36 22.55 1.06
C SER A 273 -22.19 23.33 2.08
N ILE A 274 -22.86 24.39 1.62
CA ILE A 274 -23.70 25.17 2.53
C ILE A 274 -24.87 24.32 3.00
N ALA A 275 -25.43 23.53 2.10
CA ALA A 275 -26.56 22.68 2.45
C ALA A 275 -26.11 21.61 3.44
N ILE A 276 -24.91 21.07 3.26
CA ILE A 276 -24.38 20.09 4.19
C ILE A 276 -24.19 20.70 5.56
N ASP A 277 -23.71 21.95 5.63
CA ASP A 277 -23.48 22.59 6.91
C ASP A 277 -24.79 22.84 7.67
N HIS A 278 -25.83 23.26 6.94
CA HIS A 278 -27.16 23.40 7.53
C HIS A 278 -27.56 22.09 8.19
N ALA A 279 -27.45 20.99 7.46
CA ALA A 279 -27.89 19.69 7.97
C ALA A 279 -27.04 19.24 9.16
N ARG A 280 -25.71 19.47 9.10
CA ARG A 280 -24.88 19.06 10.23
C ARG A 280 -25.34 19.71 11.53
N ARG A 281 -25.87 20.93 11.45
CA ARG A 281 -26.29 21.68 12.61
C ARG A 281 -27.77 21.52 12.94
N GLY A 282 -28.44 20.57 12.29
CA GLY A 282 -29.83 20.30 12.58
C GLY A 282 -30.83 21.22 11.93
N ARG A 283 -30.37 22.14 11.07
CA ARG A 283 -31.22 23.08 10.35
C ARG A 283 -31.73 22.41 9.07
N ASN A 284 -32.69 21.51 9.22
CA ASN A 284 -33.04 20.63 8.10
C ASN A 284 -33.89 21.30 7.02
N ILE A 285 -34.90 22.10 7.39
CA ILE A 285 -35.68 22.80 6.37
C ILE A 285 -34.81 23.83 5.66
N GLU A 286 -33.80 24.36 6.35
CA GLU A 286 -32.85 25.27 5.71
C GLU A 286 -31.99 24.52 4.69
N ALA A 287 -31.52 23.32 5.05
CA ALA A 287 -30.75 22.52 4.09
C ALA A 287 -31.59 22.18 2.85
N LEU A 288 -32.86 21.80 3.05
CA LEU A 288 -33.68 21.44 1.91
C LEU A 288 -33.91 22.64 1.00
N ARG A 289 -34.09 23.83 1.59
CA ARG A 289 -34.22 25.04 0.78
C ARG A 289 -32.95 25.32 -0.02
N ALA A 290 -31.77 25.10 0.57
CA ALA A 290 -30.54 25.24 -0.18
C ALA A 290 -30.46 24.24 -1.33
N TRP A 291 -30.79 22.97 -1.08
CA TRP A 291 -30.79 22.00 -2.17
C TRP A 291 -31.77 22.38 -3.29
N ARG A 292 -32.95 22.90 -2.94
CA ARG A 292 -33.93 23.26 -3.96
C ARG A 292 -33.47 24.46 -4.78
N ALA A 293 -32.81 25.43 -4.15
CA ALA A 293 -32.28 26.57 -4.88
C ALA A 293 -31.21 26.14 -5.89
N LEU A 294 -30.44 25.11 -5.56
CA LEU A 294 -29.42 24.58 -6.47
C LEU A 294 -30.04 23.83 -7.64
N PHE A 295 -30.91 22.88 -7.35
CA PHE A 295 -31.42 21.97 -8.39
C PHE A 295 -32.61 22.52 -9.16
N GLY A 296 -33.64 23.02 -8.45
CA GLY A 296 -34.90 23.39 -9.05
C GLY A 296 -36.11 22.75 -8.39
N PRO A 297 -37.30 22.96 -8.97
CA PRO A 297 -38.55 22.68 -8.26
C PRO A 297 -38.81 21.22 -7.97
N LYS A 298 -38.26 20.30 -8.78
CA LYS A 298 -38.45 18.87 -8.51
C LYS A 298 -37.79 18.42 -7.21
N PHE A 299 -36.79 19.14 -6.72
CA PHE A 299 -36.27 18.79 -5.40
C PHE A 299 -37.34 19.16 -4.36
N PRO A 300 -37.73 18.24 -3.47
CA PRO A 300 -38.84 18.51 -2.53
C PRO A 300 -38.41 19.13 -1.21
N LEU A 301 -39.30 20.00 -0.68
CA LEU A 301 -39.15 20.58 0.65
C LEU A 301 -40.00 19.86 1.69
N SER A 302 -41.00 19.09 1.26
CA SER A 302 -41.83 18.31 2.18
C SER A 302 -42.22 17.02 1.50
N ALA B 3 15.64 16.27 -18.05
CA ALA B 3 14.62 15.71 -17.12
C ALA B 3 13.54 14.90 -17.89
N LEU B 4 13.13 13.77 -17.31
CA LEU B 4 12.16 12.89 -17.95
C LEU B 4 10.76 13.49 -17.90
N SER B 5 10.05 13.42 -19.02
CA SER B 5 8.62 13.66 -18.99
C SER B 5 7.93 12.44 -18.38
N ILE B 6 6.64 12.59 -18.06
CA ILE B 6 5.88 11.43 -17.59
C ILE B 6 5.92 10.32 -18.64
N ASP B 7 5.66 10.67 -19.90
CA ASP B 7 5.65 9.67 -20.98
C ASP B 7 7.02 9.02 -21.18
N GLU B 8 8.10 9.77 -21.06
CA GLU B 8 9.42 9.18 -21.16
C GLU B 8 9.68 8.20 -20.02
N ALA B 9 9.27 8.55 -18.80
CA ALA B 9 9.51 7.65 -17.67
C ALA B 9 8.74 6.35 -17.81
N PHE B 10 7.48 6.44 -18.26
CA PHE B 10 6.66 5.25 -18.42
C PHE B 10 7.16 4.38 -19.58
N ARG B 11 7.62 4.99 -20.66
CA ARG B 11 8.15 4.19 -21.76
C ARG B 11 9.49 3.53 -21.39
N LYS B 12 10.28 4.19 -20.53
CA LYS B 12 11.50 3.56 -20.00
C LYS B 12 11.18 2.40 -19.05
N PHE B 13 10.17 2.59 -18.18
CA PHE B 13 9.63 1.53 -17.35
C PHE B 13 9.12 0.37 -18.21
N LYS B 14 8.29 0.67 -19.21
CA LYS B 14 7.82 -0.35 -20.15
C LYS B 14 9.00 -1.14 -20.71
N SER B 15 10.05 -0.45 -21.14
CA SER B 15 11.17 -1.16 -21.74
C SER B 15 11.87 -2.07 -20.75
N ARG B 16 11.93 -1.67 -19.49
CA ARG B 16 12.61 -2.50 -18.51
C ARG B 16 11.85 -3.78 -18.26
N LEU B 17 10.55 -3.79 -18.50
CA LEU B 17 9.71 -4.95 -18.28
C LEU B 17 9.55 -5.79 -19.52
N GLU B 18 10.25 -5.46 -20.60
CA GLU B 18 10.18 -6.23 -21.84
C GLU B 18 11.16 -7.39 -21.82
N LEU B 19 10.72 -8.53 -22.39
CA LEU B 19 11.59 -9.68 -22.57
C LEU B 19 12.73 -9.32 -23.53
N ASN B 20 13.96 -9.67 -23.14
CA ASN B 20 15.10 -9.48 -24.00
C ASN B 20 15.72 -10.82 -24.41
N GLU B 21 16.65 -10.73 -25.35
CA GLU B 21 17.17 -11.93 -26.01
C GLU B 21 17.98 -12.81 -25.06
N ARG B 22 18.75 -12.20 -24.14
CA ARG B 22 19.51 -13.02 -23.20
C ARG B 22 18.56 -13.79 -22.28
N GLU B 23 17.48 -13.15 -21.83
CA GLU B 23 16.49 -13.84 -21.02
C GLU B 23 15.82 -14.98 -21.79
N GLN B 24 15.47 -14.74 -23.06
CA GLN B 24 14.83 -15.79 -23.85
C GLN B 24 15.73 -17.00 -24.02
N LYS B 25 17.02 -16.76 -24.26
CA LYS B 25 17.97 -17.87 -24.36
C LYS B 25 18.06 -18.63 -23.04
N ASN B 26 18.02 -17.91 -21.91
CA ASN B 26 18.09 -18.61 -20.63
C ASN B 26 16.86 -19.47 -20.40
N ALA B 27 15.68 -18.95 -20.72
CA ALA B 27 14.48 -19.75 -20.57
C ALA B 27 14.55 -21.01 -21.42
N SER B 28 15.09 -20.89 -22.64
CA SER B 28 15.21 -22.03 -23.54
C SER B 28 16.19 -23.06 -23.00
N GLN B 29 17.32 -22.60 -22.45
CA GLN B 29 18.23 -23.51 -21.79
C GLN B 29 17.56 -24.23 -20.64
N ARG B 30 16.76 -23.51 -19.83
CA ARG B 30 16.11 -24.19 -18.71
C ARG B 30 15.07 -25.17 -19.20
N GLN B 31 14.37 -24.86 -20.30
CA GLN B 31 13.47 -25.85 -20.87
C GLN B 31 14.24 -27.12 -21.27
N ASN B 32 15.39 -26.96 -21.92
CA ASN B 32 16.19 -28.12 -22.32
C ASN B 32 16.57 -28.99 -21.13
N GLU B 33 17.08 -28.38 -20.07
CA GLU B 33 17.55 -29.13 -18.92
C GLU B 33 16.41 -29.89 -18.24
N VAL B 34 15.29 -29.22 -17.99
CA VAL B 34 14.17 -29.89 -17.30
C VAL B 34 13.53 -30.94 -18.19
N ARG B 35 13.34 -30.65 -19.49
CA ARG B 35 12.79 -31.66 -20.40
C ARG B 35 13.68 -32.89 -20.45
N ASP B 36 14.99 -32.70 -20.68
CA ASP B 36 15.89 -33.84 -20.82
C ASP B 36 15.85 -34.70 -19.56
N TYR B 37 15.80 -34.06 -18.39
CA TYR B 37 15.69 -34.82 -17.14
C TYR B 37 14.35 -35.56 -17.04
N LEU B 38 13.24 -34.85 -17.28
CA LEU B 38 11.93 -35.49 -17.08
C LEU B 38 11.71 -36.61 -18.08
N GLN B 39 12.32 -36.53 -19.26
CA GLN B 39 12.20 -37.61 -20.24
C GLN B 39 12.89 -38.90 -19.77
N THR B 40 13.78 -38.83 -18.77
CA THR B 40 14.34 -40.06 -18.20
C THR B 40 13.44 -40.71 -17.16
N LYS B 41 12.43 -39.98 -16.67
CA LYS B 41 11.52 -40.46 -15.64
C LYS B 41 10.12 -40.75 -16.15
N PHE B 42 9.71 -40.14 -17.26
CA PHE B 42 8.36 -40.26 -17.78
C PHE B 42 8.44 -40.29 -19.30
N GLY B 43 7.45 -40.91 -19.92
CA GLY B 43 7.27 -40.78 -21.35
C GLY B 43 6.70 -39.42 -21.74
N ILE B 44 7.57 -38.52 -22.22
CA ILE B 44 7.17 -37.18 -22.63
C ILE B 44 7.62 -37.00 -24.08
N ALA B 45 6.66 -36.69 -24.97
CA ALA B 45 7.00 -36.59 -26.38
C ALA B 45 7.67 -35.26 -26.71
N ARG B 46 7.26 -34.19 -26.03
CA ARG B 46 7.70 -32.85 -26.36
C ARG B 46 7.32 -31.95 -25.19
N SER B 47 7.81 -30.71 -25.25
CA SER B 47 7.47 -29.68 -24.28
C SER B 47 7.46 -28.33 -24.99
N PHE B 48 6.80 -27.35 -24.35
CA PHE B 48 6.78 -25.99 -24.88
C PHE B 48 6.58 -24.97 -23.77
N LEU B 49 7.22 -23.81 -23.94
CA LEU B 49 7.04 -22.67 -23.06
C LEU B 49 5.69 -22.02 -23.36
N THR B 50 4.95 -21.59 -22.32
CA THR B 50 3.57 -21.19 -22.55
C THR B 50 3.10 -20.27 -21.42
N GLY B 51 1.80 -19.98 -21.40
CA GLY B 51 1.27 -19.03 -20.45
C GLY B 51 1.72 -17.61 -20.78
N SER B 52 1.77 -16.79 -19.74
CA SER B 52 2.04 -15.36 -19.94
C SER B 52 3.41 -15.14 -20.55
N TYR B 53 4.38 -16.00 -20.23
CA TYR B 53 5.69 -15.88 -20.85
C TYR B 53 5.58 -15.80 -22.37
N ALA B 54 4.80 -16.72 -22.98
CA ALA B 54 4.68 -16.76 -24.42
C ALA B 54 3.80 -15.66 -25.00
N ARG B 55 3.01 -14.98 -24.18
CA ARG B 55 2.16 -13.88 -24.63
C ARG B 55 2.80 -12.52 -24.44
N TYR B 56 4.01 -12.47 -23.88
CA TYR B 56 4.68 -11.22 -23.53
C TYR B 56 3.85 -10.40 -22.54
N THR B 57 3.23 -11.09 -21.59
CA THR B 57 2.48 -10.45 -20.52
C THR B 57 3.00 -10.84 -19.14
N LYS B 58 4.16 -11.48 -19.06
CA LYS B 58 4.79 -11.81 -17.79
C LYS B 58 5.72 -10.66 -17.38
N THR B 59 5.59 -10.22 -16.13
CA THR B 59 6.41 -9.11 -15.64
C THR B 59 7.79 -9.61 -15.20
N LYS B 60 8.68 -8.63 -14.75
CA LYS B 60 10.04 -8.89 -14.29
C LYS B 60 10.11 -8.82 -12.77
N PRO B 61 10.97 -9.61 -12.09
CA PRO B 61 11.79 -10.66 -12.69
C PRO B 61 10.93 -11.81 -13.20
N LEU B 62 11.46 -12.58 -14.16
CA LEU B 62 10.68 -13.62 -14.84
C LEU B 62 10.64 -14.85 -13.94
N LYS B 63 9.48 -15.07 -13.32
CA LYS B 63 9.22 -16.16 -12.40
C LYS B 63 8.08 -17.01 -12.92
N ASN B 64 8.09 -18.30 -12.56
CA ASN B 64 6.93 -19.18 -12.78
C ASN B 64 6.60 -19.33 -14.25
N ILE B 65 7.63 -19.50 -15.08
CA ILE B 65 7.47 -19.70 -16.52
C ILE B 65 6.91 -21.11 -16.75
N ASN B 66 5.73 -21.19 -17.35
CA ASN B 66 5.09 -22.49 -17.56
C ASN B 66 5.73 -23.24 -18.71
N ILE B 67 6.01 -24.53 -18.49
CA ILE B 67 6.44 -25.46 -19.54
C ILE B 67 5.44 -26.60 -19.46
N PHE B 68 4.67 -26.83 -20.53
CA PHE B 68 3.80 -28.00 -20.59
C PHE B 68 4.63 -29.19 -21.06
N PHE B 69 4.56 -30.28 -20.32
CA PHE B 69 5.29 -31.52 -20.64
C PHE B 69 4.24 -32.49 -21.16
N VAL B 70 4.27 -32.74 -22.47
CA VAL B 70 3.17 -33.44 -23.14
C VAL B 70 3.44 -34.94 -23.04
N LEU B 71 2.53 -35.63 -22.34
CA LEU B 71 2.75 -37.01 -21.91
C LEU B 71 2.35 -37.98 -23.02
N LYS B 72 3.15 -39.02 -23.20
CA LYS B 72 2.90 -40.02 -24.23
C LYS B 72 1.71 -40.91 -23.87
N ASP B 73 1.19 -41.62 -24.88
CA ASP B 73 0.13 -42.61 -24.66
C ASP B 73 0.55 -43.66 -23.61
N SER B 74 1.84 -43.97 -23.51
CA SER B 74 2.33 -44.89 -22.50
C SER B 74 2.02 -44.40 -21.08
N GLU B 75 1.76 -43.09 -20.89
CA GLU B 75 1.44 -42.54 -19.59
C GLU B 75 -0.04 -42.18 -19.45
N LYS B 76 -0.89 -42.71 -20.34
CA LYS B 76 -2.29 -42.31 -20.32
C LYS B 76 -3.00 -42.71 -19.02
N HIS B 77 -2.46 -43.71 -18.30
CA HIS B 77 -3.01 -44.09 -17.01
C HIS B 77 -3.17 -42.89 -16.06
N TYR B 78 -2.33 -41.85 -16.18
CA TYR B 78 -2.45 -40.71 -15.28
C TYR B 78 -3.74 -39.95 -15.51
N HIS B 79 -4.24 -39.96 -16.74
CA HIS B 79 -5.36 -39.12 -17.11
C HIS B 79 -6.62 -39.57 -16.41
N GLY B 80 -6.69 -40.85 -16.08
CA GLY B 80 -7.80 -41.42 -15.36
C GLY B 80 -7.62 -41.46 -13.86
N LYS B 81 -6.55 -40.86 -13.36
CA LYS B 81 -6.18 -40.86 -11.95
C LYS B 81 -6.28 -39.45 -11.40
N ALA B 82 -6.38 -39.37 -10.07
CA ALA B 82 -6.48 -38.08 -9.39
C ALA B 82 -5.30 -37.17 -9.73
N ALA B 83 -5.60 -35.87 -9.76
CA ALA B 83 -4.59 -34.86 -10.06
C ALA B 83 -3.33 -35.02 -9.21
N SER B 84 -3.49 -35.28 -7.93
CA SER B 84 -2.35 -35.39 -7.00
C SER B 84 -1.39 -36.51 -7.36
N VAL B 85 -1.83 -37.53 -8.09
CA VAL B 85 -0.96 -38.66 -8.39
C VAL B 85 0.16 -38.25 -9.36
N VAL B 86 -0.21 -37.68 -10.50
CA VAL B 86 0.82 -37.24 -11.43
C VAL B 86 1.62 -36.11 -10.83
N LEU B 87 0.97 -35.23 -10.05
CA LEU B 87 1.72 -34.14 -9.43
C LEU B 87 2.73 -34.67 -8.41
N ASP B 88 2.36 -35.69 -7.64
CA ASP B 88 3.31 -36.30 -6.71
C ASP B 88 4.50 -36.90 -7.43
N ASP B 89 4.27 -37.56 -8.56
CA ASP B 89 5.37 -38.20 -9.27
C ASP B 89 6.33 -37.16 -9.87
N PHE B 90 5.77 -36.12 -10.52
CA PHE B 90 6.60 -34.99 -10.95
C PHE B 90 7.35 -34.39 -9.78
N HIS B 91 6.68 -34.18 -8.63
CA HIS B 91 7.33 -33.58 -7.47
C HIS B 91 8.51 -34.42 -6.99
N SER B 92 8.29 -35.72 -6.79
CA SER B 92 9.37 -36.57 -6.29
C SER B 92 10.57 -36.57 -7.25
N ALA B 93 10.30 -36.57 -8.55
CA ALA B 93 11.39 -36.59 -9.52
C ALA B 93 12.18 -35.30 -9.46
N LEU B 94 11.48 -34.18 -9.38
CA LEU B 94 12.18 -32.90 -9.38
C LEU B 94 12.94 -32.69 -8.07
N VAL B 95 12.37 -33.12 -6.95
CA VAL B 95 13.08 -33.04 -5.66
C VAL B 95 14.37 -33.84 -5.72
N GLU B 96 14.31 -35.03 -6.33
CA GLU B 96 15.50 -35.87 -6.45
C GLU B 96 16.67 -35.10 -7.08
N LYS B 97 16.38 -34.30 -8.09
CA LYS B 97 17.43 -33.56 -8.79
C LYS B 97 17.78 -32.25 -8.08
N TYR B 98 16.77 -31.47 -7.69
CA TYR B 98 16.97 -30.07 -7.28
C TYR B 98 16.90 -29.85 -5.78
N GLY B 99 16.44 -30.85 -5.02
CA GLY B 99 16.31 -30.74 -3.57
C GLY B 99 14.96 -30.19 -3.14
N SER B 100 14.59 -30.52 -1.89
CA SER B 100 13.24 -30.17 -1.44
C SER B 100 13.00 -28.66 -1.39
N ALA B 101 14.02 -27.88 -1.02
CA ALA B 101 13.80 -26.44 -0.84
C ALA B 101 13.51 -25.73 -2.16
N ALA B 102 13.95 -26.29 -3.27
CA ALA B 102 13.81 -25.65 -4.57
C ALA B 102 12.52 -26.02 -5.29
N VAL B 103 11.73 -26.96 -4.77
CA VAL B 103 10.61 -27.55 -5.50
C VAL B 103 9.35 -27.38 -4.66
N ARG B 104 8.26 -26.93 -5.28
CA ARG B 104 7.02 -26.65 -4.57
C ARG B 104 5.81 -27.12 -5.37
N LYS B 105 4.95 -27.91 -4.73
CA LYS B 105 3.69 -28.27 -5.35
C LYS B 105 2.79 -27.04 -5.45
N GLN B 106 2.12 -26.93 -6.60
CA GLN B 106 1.15 -25.88 -6.87
C GLN B 106 -0.12 -26.51 -7.43
N ALA B 107 -1.15 -25.69 -7.65
CA ALA B 107 -2.48 -26.19 -8.00
C ALA B 107 -2.47 -26.98 -9.30
N ARG B 108 -1.73 -26.49 -10.29
CA ARG B 108 -1.69 -27.17 -11.59
C ARG B 108 -0.26 -27.28 -12.14
N SER B 109 0.74 -27.36 -11.27
CA SER B 109 2.12 -27.46 -11.72
C SER B 109 3.01 -27.75 -10.52
N ILE B 110 4.25 -28.10 -10.81
CA ILE B 110 5.32 -28.18 -9.82
C ILE B 110 6.29 -27.06 -10.15
N ASN B 111 6.54 -26.17 -9.17
CA ASN B 111 7.43 -25.05 -9.37
C ASN B 111 8.86 -25.51 -9.08
N VAL B 112 9.81 -25.15 -9.96
CA VAL B 112 11.23 -25.39 -9.73
C VAL B 112 11.96 -24.06 -9.72
N ASP B 113 12.58 -23.76 -8.60
CA ASP B 113 13.36 -22.55 -8.42
C ASP B 113 14.84 -22.91 -8.60
N PHE B 114 15.53 -22.20 -9.50
CA PHE B 114 16.90 -22.54 -9.87
C PHE B 114 17.96 -21.92 -8.96
N GLY B 115 17.59 -21.17 -7.94
CA GLY B 115 18.59 -20.63 -7.05
C GLY B 115 19.24 -19.37 -7.55
N VAL B 116 18.60 -18.70 -8.51
CA VAL B 116 19.12 -17.49 -9.10
C VAL B 116 18.98 -16.36 -8.09
N HIS B 117 20.02 -15.57 -7.92
CA HIS B 117 19.92 -14.43 -7.02
C HIS B 117 19.17 -13.29 -7.70
N ILE B 118 18.12 -12.81 -7.02
CA ILE B 118 17.44 -11.58 -7.43
C ILE B 118 17.98 -10.47 -6.53
N ASP B 119 18.61 -9.46 -7.13
CA ASP B 119 19.10 -8.37 -6.30
C ASP B 119 17.94 -7.45 -5.94
N ALA B 120 18.23 -6.45 -5.10
CA ALA B 120 17.15 -5.60 -4.61
C ALA B 120 16.54 -4.71 -5.69
N GLU B 121 17.18 -4.59 -6.85
CA GLU B 121 16.67 -3.81 -7.97
C GLU B 121 15.92 -4.68 -8.99
N ASP B 122 15.67 -5.94 -8.66
CA ASP B 122 14.95 -6.90 -9.50
C ASP B 122 15.76 -7.36 -10.70
N ASN B 123 17.09 -7.29 -10.62
CA ASN B 123 17.96 -7.77 -11.69
C ASN B 123 18.52 -9.13 -11.31
N THR B 124 18.64 -9.99 -12.32
CA THR B 124 19.10 -11.37 -12.10
C THR B 124 20.23 -11.74 -13.06
N ASP B 125 20.89 -10.74 -13.66
CA ASP B 125 21.86 -10.98 -14.73
C ASP B 125 21.22 -11.69 -15.92
N TYR B 126 19.97 -11.34 -16.22
CA TYR B 126 19.26 -11.88 -17.39
C TYR B 126 19.02 -13.39 -17.29
N ARG B 127 18.70 -13.88 -16.09
CA ARG B 127 18.38 -15.28 -15.88
C ARG B 127 16.96 -15.38 -15.39
N VAL B 128 16.26 -16.41 -15.82
CA VAL B 128 14.94 -16.68 -15.30
C VAL B 128 15.04 -17.29 -13.90
N VAL B 129 14.04 -16.98 -13.09
CA VAL B 129 14.06 -17.38 -11.69
C VAL B 129 13.55 -18.82 -11.50
N SER B 130 12.47 -19.20 -12.18
CA SER B 130 11.83 -20.47 -11.85
C SER B 130 10.93 -20.87 -13.01
N VAL B 131 10.60 -22.16 -13.05
CA VAL B 131 9.64 -22.68 -14.00
C VAL B 131 8.52 -23.42 -13.27
N ASP B 132 7.33 -23.40 -13.89
CA ASP B 132 6.17 -24.18 -13.45
C ASP B 132 6.04 -25.36 -14.41
N ALA B 133 6.35 -26.56 -13.94
CA ALA B 133 6.35 -27.77 -14.77
C ALA B 133 4.93 -28.33 -14.79
N VAL B 134 4.32 -28.37 -15.96
CA VAL B 134 2.91 -28.73 -16.09
C VAL B 134 2.79 -30.08 -16.80
N PRO B 135 2.36 -31.14 -16.12
CA PRO B 135 2.01 -32.37 -16.85
C PRO B 135 0.77 -32.11 -17.71
N ALA B 136 0.78 -32.60 -18.94
CA ALA B 136 -0.30 -32.29 -19.87
C ALA B 136 -0.54 -33.40 -20.89
N PHE B 137 -1.83 -33.57 -21.24
CA PHE B 137 -2.22 -34.43 -22.34
C PHE B 137 -2.75 -33.57 -23.48
N ASP B 138 -2.25 -33.83 -24.69
CA ASP B 138 -2.79 -33.22 -25.88
C ASP B 138 -3.99 -34.07 -26.30
N THR B 139 -5.19 -33.52 -26.19
CA THR B 139 -6.39 -34.25 -26.58
C THR B 139 -6.87 -33.87 -27.98
N GLY B 140 -6.03 -33.16 -28.75
CA GLY B 140 -6.37 -32.78 -30.11
C GLY B 140 -6.95 -31.38 -30.20
N ASP B 141 -8.15 -31.19 -29.64
CA ASP B 141 -8.76 -29.86 -29.61
C ASP B 141 -7.93 -28.90 -28.76
N GLN B 142 -7.38 -29.40 -27.66
CA GLN B 142 -6.75 -28.53 -26.67
C GLN B 142 -5.89 -29.46 -25.78
N TYR B 143 -5.51 -28.94 -24.61
CA TYR B 143 -4.83 -29.75 -23.62
C TYR B 143 -5.69 -29.98 -22.38
N GLU B 144 -5.32 -30.99 -21.61
CA GLU B 144 -5.83 -31.18 -20.26
C GLU B 144 -4.66 -31.23 -19.27
N ILE B 145 -4.84 -30.58 -18.14
CA ILE B 145 -3.80 -30.45 -17.12
C ILE B 145 -4.41 -30.73 -15.76
N PRO B 146 -3.59 -31.05 -14.76
CA PRO B 146 -4.14 -31.44 -13.46
C PRO B 146 -4.74 -30.24 -12.74
N ASP B 147 -5.75 -30.53 -11.89
CA ASP B 147 -6.49 -29.50 -11.15
C ASP B 147 -6.66 -29.92 -9.69
N THR B 148 -5.82 -29.39 -8.78
CA THR B 148 -5.93 -29.83 -7.39
C THR B 148 -7.24 -29.42 -6.75
N ALA B 149 -7.84 -28.30 -7.17
CA ALA B 149 -9.08 -27.85 -6.54
C ALA B 149 -10.18 -28.90 -6.68
N SER B 150 -10.34 -29.46 -7.87
CA SER B 150 -11.35 -30.48 -8.14
C SER B 150 -10.83 -31.90 -7.95
N GLY B 151 -9.51 -32.08 -7.88
CA GLY B 151 -8.87 -33.39 -7.88
C GLY B 151 -8.86 -34.08 -9.23
N LYS B 152 -9.36 -33.44 -10.27
CA LYS B 152 -9.43 -34.05 -11.60
C LYS B 152 -8.54 -33.29 -12.58
N TRP B 153 -8.87 -33.37 -13.87
CA TRP B 153 -8.15 -32.71 -14.93
C TRP B 153 -9.10 -31.70 -15.56
N ILE B 154 -8.55 -30.57 -16.00
CA ILE B 154 -9.32 -29.51 -16.64
C ILE B 154 -8.75 -29.22 -18.03
N LYS B 155 -9.60 -28.69 -18.89
CA LYS B 155 -9.20 -28.30 -20.22
C LYS B 155 -8.65 -26.87 -20.24
N THR B 156 -7.63 -26.67 -21.07
CA THR B 156 -7.02 -25.37 -21.27
C THR B 156 -6.56 -25.28 -22.71
N ASP B 157 -6.70 -24.09 -23.31
CA ASP B 157 -6.16 -23.83 -24.65
C ASP B 157 -5.38 -22.52 -24.61
N PRO B 158 -4.09 -22.58 -24.27
CA PRO B 158 -3.31 -21.32 -24.16
C PRO B 158 -3.25 -20.55 -25.46
N GLU B 159 -3.43 -21.22 -26.59
CA GLU B 159 -3.41 -20.50 -27.87
C GLU B 159 -4.55 -19.51 -27.95
N ILE B 160 -5.72 -19.86 -27.39
CA ILE B 160 -6.83 -18.91 -27.35
C ILE B 160 -6.49 -17.72 -26.47
N HIS B 161 -5.86 -17.96 -25.31
CA HIS B 161 -5.44 -16.86 -24.44
C HIS B 161 -4.46 -15.96 -25.18
N LYS B 162 -3.50 -16.56 -25.90
CA LYS B 162 -2.56 -15.80 -26.71
C LYS B 162 -3.28 -14.97 -27.77
N ASP B 163 -4.24 -15.57 -28.50
CA ASP B 163 -4.98 -14.82 -29.53
C ASP B 163 -5.75 -13.63 -28.92
N LYS B 164 -6.39 -13.82 -27.77
CA LYS B 164 -7.17 -12.76 -27.15
C LYS B 164 -6.28 -11.60 -26.66
N ALA B 165 -5.12 -11.93 -26.09
CA ALA B 165 -4.17 -10.88 -25.72
C ALA B 165 -3.70 -10.10 -26.93
N THR B 166 -3.37 -10.82 -28.03
CA THR B 166 -2.92 -10.16 -29.26
C THR B 166 -3.95 -9.19 -29.80
N ALA B 167 -5.22 -9.60 -29.82
CA ALA B 167 -6.29 -8.74 -30.32
C ALA B 167 -6.50 -7.53 -29.42
N ALA B 168 -6.50 -7.73 -28.08
CA ALA B 168 -6.61 -6.57 -27.18
C ALA B 168 -5.46 -5.61 -27.41
N HIS B 169 -4.26 -6.15 -27.59
CA HIS B 169 -3.07 -5.35 -27.80
C HIS B 169 -3.15 -4.55 -29.10
N GLN B 170 -3.60 -5.19 -30.20
CA GLN B 170 -3.73 -4.47 -31.46
C GLN B 170 -4.78 -3.37 -31.38
N ALA B 171 -5.84 -3.59 -30.60
CA ALA B 171 -6.88 -2.58 -30.45
C ALA B 171 -6.52 -1.49 -29.45
N TYR B 172 -5.35 -1.59 -28.80
CA TYR B 172 -4.88 -0.62 -27.80
C TYR B 172 -3.57 0.03 -28.23
N ALA B 173 -3.39 0.25 -29.52
CA ALA B 173 -2.18 0.88 -30.06
C ALA B 173 -0.92 0.21 -29.52
N ASN B 174 -0.97 -1.11 -29.34
CA ASN B 174 0.20 -1.90 -28.94
C ASN B 174 0.72 -1.49 -27.57
N GLU B 175 -0.17 -1.00 -26.70
CA GLU B 175 0.21 -0.67 -25.32
C GLU B 175 -0.44 -1.56 -24.26
N TRP B 176 -1.34 -2.46 -24.63
CA TRP B 176 -2.10 -3.24 -23.66
C TRP B 176 -1.18 -4.14 -22.85
N LYS B 177 -0.31 -4.91 -23.54
CA LYS B 177 0.51 -5.88 -22.82
C LYS B 177 1.44 -5.18 -21.83
N GLY B 178 1.96 -4.02 -22.22
CA GLY B 178 2.80 -3.25 -21.32
C GLY B 178 2.05 -2.80 -20.08
N LEU B 179 0.83 -2.29 -20.24
CA LEU B 179 0.02 -1.89 -19.07
C LEU B 179 -0.20 -3.08 -18.13
N VAL B 180 -0.48 -4.26 -18.69
CA VAL B 180 -0.66 -5.46 -17.89
C VAL B 180 0.61 -5.81 -17.11
N ARG B 181 1.77 -5.75 -17.75
CA ARG B 181 3.02 -6.04 -17.05
C ARG B 181 3.26 -5.06 -15.90
N MET B 182 2.94 -3.79 -16.11
CA MET B 182 3.13 -2.80 -15.04
C MET B 182 2.27 -3.07 -13.81
N VAL B 183 0.99 -3.43 -13.99
CA VAL B 183 0.11 -3.71 -12.86
C VAL B 183 0.52 -5.02 -12.22
N LYS B 184 0.95 -6.01 -13.02
CA LYS B 184 1.55 -7.20 -12.42
C LYS B 184 2.77 -6.87 -11.57
N TYR B 185 3.58 -5.89 -12.01
CA TYR B 185 4.75 -5.51 -11.23
C TYR B 185 4.33 -4.90 -9.90
N TRP B 186 3.32 -4.01 -9.95
CA TRP B 186 2.75 -3.46 -8.71
C TRP B 186 2.22 -4.59 -7.82
N ASN B 187 1.53 -5.56 -8.41
CA ASN B 187 0.95 -6.65 -7.63
C ASN B 187 2.03 -7.48 -6.94
N ASN B 188 3.24 -7.52 -7.50
CA ASN B 188 4.35 -8.26 -6.89
C ASN B 188 5.14 -7.45 -5.84
N ASN B 189 4.80 -6.18 -5.62
CA ASN B 189 5.63 -5.32 -4.76
C ASN B 189 5.67 -5.83 -3.32
N PRO B 190 6.85 -6.01 -2.73
CA PRO B 190 6.93 -6.51 -1.36
C PRO B 190 6.33 -5.58 -0.34
N LYS B 191 6.02 -4.34 -0.71
CA LYS B 191 5.42 -3.44 0.27
C LYS B 191 4.06 -3.93 0.72
N HIS B 192 3.43 -4.81 -0.07
CA HIS B 192 2.15 -5.40 0.30
C HIS B 192 2.30 -6.55 1.30
N GLY B 193 3.53 -7.00 1.56
CA GLY B 193 3.80 -8.12 2.43
C GLY B 193 3.91 -9.45 1.73
N ASP B 194 3.49 -10.51 2.41
N ASP B 194 3.50 -10.51 2.43
CA ASP B 194 3.69 -11.88 1.95
CA ASP B 194 3.69 -11.89 1.98
C ASP B 194 2.66 -12.31 0.92
C ASP B 194 2.65 -12.33 0.96
N LEU B 195 1.48 -11.70 0.93
CA LEU B 195 0.37 -12.10 0.07
C LEU B 195 0.10 -11.00 -0.96
N LYS B 196 0.05 -11.38 -2.24
CA LYS B 196 -0.17 -10.35 -3.25
C LYS B 196 -1.60 -9.81 -3.18
N PRO B 197 -1.81 -8.55 -3.59
CA PRO B 197 -3.19 -8.04 -3.62
C PRO B 197 -4.16 -8.92 -4.41
N VAL B 198 -3.77 -9.36 -5.62
CA VAL B 198 -4.61 -10.17 -6.50
C VAL B 198 -3.96 -11.54 -6.70
N LYS B 199 -4.71 -12.61 -6.40
CA LYS B 199 -4.31 -14.00 -6.62
C LYS B 199 -5.32 -14.69 -7.55
N PRO B 200 -4.89 -15.34 -8.65
CA PRO B 200 -3.53 -15.41 -9.19
C PRO B 200 -3.17 -14.16 -9.97
N SER B 201 -1.86 -13.95 -10.21
CA SER B 201 -1.41 -12.88 -11.10
C SER B 201 -2.15 -12.90 -12.44
N PHE B 202 -2.43 -14.09 -12.96
CA PHE B 202 -3.10 -14.20 -14.26
C PHE B 202 -4.48 -13.53 -14.28
N LEU B 203 -5.15 -13.41 -13.12
CA LEU B 203 -6.44 -12.73 -13.07
C LEU B 203 -6.35 -11.26 -13.49
N ILE B 204 -5.21 -10.60 -13.24
CA ILE B 204 -5.03 -9.22 -13.73
C ILE B 204 -5.17 -9.18 -15.25
N GLU B 205 -4.53 -10.13 -15.93
CA GLU B 205 -4.61 -10.19 -17.39
C GLU B 205 -6.02 -10.50 -17.85
N VAL B 206 -6.67 -11.47 -17.21
CA VAL B 206 -8.04 -11.83 -17.59
C VAL B 206 -8.94 -10.61 -17.45
N MET B 207 -8.80 -9.88 -16.33
CA MET B 207 -9.62 -8.70 -16.09
C MET B 207 -9.35 -7.64 -17.14
N ALA B 208 -8.08 -7.48 -17.51
CA ALA B 208 -7.68 -6.44 -18.43
C ALA B 208 -8.34 -6.61 -19.80
N LEU B 209 -8.68 -7.85 -20.20
CA LEU B 209 -9.38 -8.02 -21.48
C LEU B 209 -10.67 -7.21 -21.52
N GLU B 210 -11.27 -6.96 -20.35
CA GLU B 210 -12.51 -6.19 -20.23
C GLU B 210 -12.34 -4.84 -19.56
N CYS B 211 -11.36 -4.69 -18.66
CA CYS B 211 -11.22 -3.48 -17.88
C CYS B 211 -10.36 -2.43 -18.59
N LEU B 212 -9.70 -2.79 -19.68
CA LEU B 212 -9.14 -1.86 -20.65
C LEU B 212 -9.98 -1.93 -21.91
N TYR B 213 -10.54 -0.78 -22.31
CA TYR B 213 -11.60 -0.70 -23.29
C TYR B 213 -11.42 0.59 -24.09
N GLY B 214 -12.04 0.64 -25.26
CA GLY B 214 -12.08 1.88 -26.02
C GLY B 214 -10.75 2.38 -26.52
N GLY B 215 -9.76 1.51 -26.69
CA GLY B 215 -8.51 1.93 -27.29
C GLY B 215 -7.67 2.80 -26.36
N TRP B 216 -6.48 3.14 -26.86
CA TRP B 216 -5.43 3.80 -26.09
C TRP B 216 -5.71 5.30 -26.03
N GLY B 217 -5.64 5.87 -24.82
CA GLY B 217 -5.98 7.28 -24.64
C GLY B 217 -4.84 8.26 -24.87
N GLY B 218 -3.60 7.76 -24.90
CA GLY B 218 -2.43 8.56 -25.21
C GLY B 218 -1.51 8.89 -24.07
N SER B 219 -1.98 8.79 -22.83
CA SER B 219 -1.15 9.12 -21.67
C SER B 219 -1.11 7.96 -20.70
N PHE B 220 0.11 7.55 -20.33
CA PHE B 220 0.25 6.43 -19.42
C PHE B 220 -0.37 6.72 -18.06
N ASP B 221 -0.22 7.95 -17.55
CA ASP B 221 -0.59 8.15 -16.16
C ASP B 221 -2.10 8.05 -15.98
N ARG B 222 -2.85 8.69 -16.88
CA ARG B 222 -4.31 8.57 -16.88
C ARG B 222 -4.75 7.12 -17.12
N GLU B 223 -4.09 6.43 -18.07
CA GLU B 223 -4.47 5.04 -18.35
C GLU B 223 -4.30 4.15 -17.13
N ILE B 224 -3.14 4.24 -16.45
CA ILE B 224 -2.89 3.42 -15.26
C ILE B 224 -3.88 3.77 -14.14
N GLN B 225 -4.14 5.07 -13.94
CA GLN B 225 -5.07 5.45 -12.89
C GLN B 225 -6.43 4.81 -13.12
N SER B 226 -6.92 4.91 -14.36
CA SER B 226 -8.25 4.42 -14.72
C SER B 226 -8.31 2.91 -14.68
N PHE B 227 -7.18 2.25 -14.97
CA PHE B 227 -7.11 0.80 -14.94
C PHE B 227 -7.24 0.31 -13.50
N PHE B 228 -6.51 0.93 -12.58
CA PHE B 228 -6.62 0.58 -11.17
C PHE B 228 -8.04 0.80 -10.65
N ALA B 229 -8.68 1.91 -11.03
CA ALA B 229 -10.02 2.20 -10.55
C ALA B 229 -11.02 1.15 -11.00
N THR B 230 -10.95 0.73 -12.27
CA THR B 230 -11.86 -0.26 -12.81
C THR B 230 -11.59 -1.64 -12.23
N LEU B 231 -10.31 -2.01 -12.06
CA LEU B 231 -9.96 -3.27 -11.42
C LEU B 231 -10.55 -3.34 -10.01
N ALA B 232 -10.44 -2.25 -9.24
CA ALA B 232 -11.03 -2.24 -7.90
C ALA B 232 -12.55 -2.44 -7.95
N ASP B 233 -13.22 -1.74 -8.86
CA ASP B 233 -14.68 -1.85 -8.96
C ASP B 233 -15.14 -3.24 -9.40
N ARG B 234 -14.31 -3.95 -10.14
CA ARG B 234 -14.71 -5.20 -10.80
C ARG B 234 -14.04 -6.47 -10.26
N VAL B 235 -13.13 -6.37 -9.30
CA VAL B 235 -12.47 -7.56 -8.76
C VAL B 235 -13.44 -8.56 -8.12
N HIS B 236 -14.64 -8.13 -7.71
CA HIS B 236 -15.63 -9.04 -7.15
C HIS B 236 -16.57 -9.65 -8.17
N ASP B 237 -16.47 -9.27 -9.45
CA ASP B 237 -17.25 -9.93 -10.48
C ASP B 237 -16.79 -11.38 -10.69
N GLU B 238 -17.67 -12.18 -11.30
CA GLU B 238 -17.26 -13.50 -11.78
C GLU B 238 -16.38 -13.36 -13.02
N TRP B 239 -15.21 -14.01 -13.01
CA TRP B 239 -14.28 -13.99 -14.15
C TRP B 239 -14.07 -15.42 -14.65
N PRO B 240 -14.80 -15.84 -15.69
CA PRO B 240 -14.58 -17.17 -16.27
C PRO B 240 -13.28 -17.22 -17.08
N ASP B 241 -12.83 -18.44 -17.32
CA ASP B 241 -11.78 -18.63 -18.31
C ASP B 241 -12.21 -17.94 -19.61
N PRO B 242 -11.41 -17.01 -20.15
CA PRO B 242 -11.86 -16.33 -21.38
C PRO B 242 -12.12 -17.28 -22.54
N ALA B 243 -11.41 -18.41 -22.59
CA ALA B 243 -11.63 -19.40 -23.64
C ALA B 243 -12.85 -20.26 -23.38
N GLY B 244 -13.44 -20.18 -22.19
CA GLY B 244 -14.62 -20.99 -21.92
C GLY B 244 -14.37 -22.46 -21.75
N LEU B 245 -13.13 -22.87 -21.44
CA LEU B 245 -12.77 -24.28 -21.31
C LEU B 245 -12.54 -24.73 -19.87
N GLY B 246 -11.87 -23.92 -19.06
CA GLY B 246 -11.52 -24.32 -17.73
C GLY B 246 -12.42 -23.68 -16.69
N PRO B 247 -12.06 -23.89 -15.42
CA PRO B 247 -12.82 -23.32 -14.32
C PRO B 247 -12.63 -21.81 -14.23
N ALA B 248 -13.46 -21.16 -13.44
CA ALA B 248 -13.34 -19.71 -13.32
C ALA B 248 -12.00 -19.32 -12.69
N ILE B 249 -11.53 -18.12 -13.03
CA ILE B 249 -10.25 -17.61 -12.57
C ILE B 249 -10.37 -16.94 -11.22
N SER B 250 -11.57 -16.55 -10.82
CA SER B 250 -11.75 -15.64 -9.71
C SER B 250 -12.14 -16.35 -8.40
N ASN B 251 -11.92 -17.66 -8.31
CA ASN B 251 -12.30 -18.40 -7.11
C ASN B 251 -11.12 -18.77 -6.22
N ASP B 252 -9.93 -18.21 -6.44
CA ASP B 252 -8.78 -18.51 -5.57
C ASP B 252 -8.67 -17.60 -4.36
N MET B 253 -9.46 -16.55 -4.28
CA MET B 253 -9.44 -15.67 -3.12
C MET B 253 -10.73 -15.84 -2.34
N ASP B 254 -10.60 -15.96 -1.01
CA ASP B 254 -11.78 -15.99 -0.14
C ASP B 254 -12.31 -14.57 0.07
N ALA B 255 -13.45 -14.47 0.76
CA ALA B 255 -14.14 -13.18 0.89
C ALA B 255 -13.22 -12.09 1.42
N ALA B 256 -12.47 -12.40 2.48
CA ALA B 256 -11.60 -11.39 3.10
C ALA B 256 -10.45 -11.01 2.19
N ARG B 257 -9.95 -11.97 1.44
CA ARG B 257 -8.85 -11.69 0.52
C ARG B 257 -9.33 -10.83 -0.65
N LYS B 258 -10.55 -11.07 -1.13
CA LYS B 258 -11.11 -10.25 -2.21
C LYS B 258 -11.39 -8.83 -1.75
N GLN B 259 -11.86 -8.67 -0.52
CA GLN B 259 -12.06 -7.34 0.05
C GLN B 259 -10.72 -6.62 0.14
N ARG B 260 -9.66 -7.32 0.55
CA ARG B 260 -8.33 -6.71 0.59
C ARG B 260 -7.84 -6.35 -0.81
N ALA B 261 -8.08 -7.22 -1.79
CA ALA B 261 -7.72 -6.92 -3.18
C ALA B 261 -8.36 -5.60 -3.62
N GLN B 262 -9.63 -5.44 -3.34
CA GLN B 262 -10.33 -4.22 -3.74
C GLN B 262 -9.74 -3.00 -3.04
N GLN B 263 -9.50 -3.12 -1.73
CA GLN B 263 -8.94 -2.01 -0.97
C GLN B 263 -7.58 -1.59 -1.52
N LEU B 264 -6.74 -2.56 -1.87
CA LEU B 264 -5.39 -2.20 -2.32
C LEU B 264 -5.42 -1.66 -3.75
N LEU B 265 -6.30 -2.19 -4.60
CA LEU B 265 -6.47 -1.65 -5.94
C LEU B 265 -7.00 -0.22 -5.88
N PHE B 266 -7.98 0.02 -4.98
CA PHE B 266 -8.49 1.37 -4.84
C PHE B 266 -7.40 2.32 -4.34
N GLN B 267 -6.64 1.89 -3.34
CA GLN B 267 -5.54 2.72 -2.85
C GLN B 267 -4.57 3.04 -3.96
N ALA B 268 -4.27 2.08 -4.84
CA ALA B 268 -3.34 2.37 -5.92
C ALA B 268 -3.92 3.40 -6.87
N SER B 269 -5.23 3.34 -7.11
CA SER B 269 -5.90 4.32 -7.96
C SER B 269 -5.80 5.72 -7.36
N GLN B 270 -5.86 5.82 -6.03
CA GLN B 270 -5.70 7.11 -5.37
C GLN B 270 -4.25 7.58 -5.32
N ASP B 271 -3.29 6.68 -5.07
CA ASP B 271 -1.88 7.02 -5.23
C ASP B 271 -1.61 7.56 -6.63
N ALA B 272 -2.23 6.95 -7.65
CA ALA B 272 -2.04 7.37 -9.02
C ALA B 272 -2.64 8.74 -9.29
N SER B 273 -3.82 9.00 -8.73
CA SER B 273 -4.45 10.31 -8.86
C SER B 273 -3.57 11.41 -8.30
N ILE B 274 -2.87 11.12 -7.20
CA ILE B 274 -1.92 12.07 -6.61
C ILE B 274 -0.79 12.35 -7.59
N ALA B 275 -0.27 11.32 -8.24
CA ALA B 275 0.79 11.51 -9.22
C ALA B 275 0.32 12.36 -10.39
N ILE B 276 -0.92 12.15 -10.84
CA ILE B 276 -1.47 12.97 -11.90
C ILE B 276 -1.58 14.43 -11.46
N ASP B 277 -2.04 14.68 -10.24
N ASP B 277 -2.05 14.68 -10.24
CA ASP B 277 -2.18 16.06 -9.77
CA ASP B 277 -2.19 16.04 -9.75
C ASP B 277 -0.83 16.77 -9.72
C ASP B 277 -0.83 16.77 -9.72
N HIS B 278 0.24 16.07 -9.32
CA HIS B 278 1.57 16.70 -9.34
C HIS B 278 1.92 17.11 -10.77
N ALA B 279 1.73 16.19 -11.72
CA ALA B 279 2.08 16.47 -13.10
C ALA B 279 1.24 17.61 -13.68
N ARG B 280 -0.06 17.66 -13.34
CA ARG B 280 -0.92 18.78 -13.76
C ARG B 280 -0.30 20.12 -13.39
N ARG B 281 0.33 20.21 -12.22
CA ARG B 281 0.86 21.48 -11.72
C ARG B 281 2.33 21.67 -12.05
N GLY B 282 2.89 20.88 -12.96
CA GLY B 282 4.29 21.05 -13.30
C GLY B 282 5.27 20.57 -12.27
N ARG B 283 4.82 19.87 -11.23
CA ARG B 283 5.69 19.26 -10.21
C ARG B 283 6.12 17.87 -10.68
N ASN B 284 7.01 17.84 -11.66
CA ASN B 284 7.22 16.56 -12.33
C ASN B 284 8.17 15.66 -11.59
N ILE B 285 9.16 16.22 -10.90
CA ILE B 285 10.01 15.43 -10.02
C ILE B 285 9.17 14.77 -8.97
N GLU B 286 8.16 15.50 -8.49
CA GLU B 286 7.23 14.96 -7.49
C GLU B 286 6.32 13.88 -8.07
N ALA B 287 5.87 14.07 -9.32
CA ALA B 287 5.04 13.05 -9.98
C ALA B 287 5.79 11.74 -10.12
N LEU B 288 7.07 11.83 -10.55
CA LEU B 288 7.89 10.64 -10.74
C LEU B 288 8.11 9.90 -9.42
N ARG B 289 8.38 10.62 -8.33
CA ARG B 289 8.54 9.98 -7.02
C ARG B 289 7.24 9.30 -6.58
N ALA B 290 6.09 9.93 -6.84
CA ALA B 290 4.83 9.28 -6.51
C ALA B 290 4.68 7.95 -7.26
N TRP B 291 4.99 7.93 -8.56
CA TRP B 291 4.90 6.71 -9.36
C TRP B 291 5.89 5.65 -8.89
N ARG B 292 7.11 6.07 -8.60
CA ARG B 292 8.11 5.15 -8.06
C ARG B 292 7.65 4.51 -6.75
N ALA B 293 6.99 5.29 -5.87
CA ALA B 293 6.49 4.75 -4.60
C ALA B 293 5.40 3.72 -4.85
N LEU B 294 4.61 3.91 -5.91
CA LEU B 294 3.55 2.98 -6.24
C LEU B 294 4.11 1.68 -6.79
N PHE B 295 4.99 1.76 -7.80
CA PHE B 295 5.39 0.57 -8.53
C PHE B 295 6.56 -0.15 -7.92
N GLY B 296 7.65 0.55 -7.65
CA GLY B 296 8.88 -0.08 -7.18
C GLY B 296 10.07 0.45 -7.95
N PRO B 297 11.26 -0.10 -7.69
CA PRO B 297 12.49 0.54 -8.18
C PRO B 297 12.66 0.57 -9.69
N LYS B 298 12.00 -0.31 -10.45
CA LYS B 298 12.18 -0.28 -11.90
C LYS B 298 11.56 0.95 -12.55
N PHE B 299 10.67 1.67 -11.87
CA PHE B 299 10.15 2.91 -12.41
C PHE B 299 11.23 3.99 -12.27
N PRO B 300 11.59 4.70 -13.35
CA PRO B 300 12.73 5.61 -13.27
C PRO B 300 12.42 7.00 -12.73
N LEU B 301 13.40 7.58 -12.03
CA LEU B 301 13.32 8.99 -11.64
C LEU B 301 14.15 9.90 -12.54
N SER B 302 15.07 9.35 -13.31
CA SER B 302 15.77 10.13 -14.30
C SER B 302 16.21 9.21 -15.43
N ALA C 3 26.63 -7.87 1.43
CA ALA C 3 25.14 -7.88 1.27
C ALA C 3 24.49 -7.09 2.40
N LEU C 4 23.63 -6.14 2.01
CA LEU C 4 23.14 -5.10 2.93
C LEU C 4 22.07 -5.66 3.85
N SER C 5 22.32 -5.56 5.16
CA SER C 5 21.32 -5.90 6.16
C SER C 5 20.44 -4.69 6.45
N ILE C 6 19.34 -4.94 7.17
CA ILE C 6 18.42 -3.87 7.53
C ILE C 6 19.10 -2.84 8.42
N ASP C 7 19.80 -3.28 9.47
CA ASP C 7 20.53 -2.34 10.32
C ASP C 7 21.55 -1.55 9.52
N GLU C 8 22.26 -2.21 8.61
CA GLU C 8 23.26 -1.50 7.84
C GLU C 8 22.58 -0.45 6.98
N ALA C 9 21.45 -0.81 6.37
CA ALA C 9 20.73 0.15 5.54
C ALA C 9 20.29 1.35 6.37
N PHE C 10 19.74 1.11 7.55
CA PHE C 10 19.29 2.21 8.38
C PHE C 10 20.45 3.08 8.84
N ARG C 11 21.59 2.46 9.20
CA ARG C 11 22.75 3.25 9.62
C ARG C 11 23.28 4.11 8.47
N LYS C 12 23.28 3.58 7.24
CA LYS C 12 23.70 4.41 6.12
C LYS C 12 22.69 5.52 5.83
N PHE C 13 21.39 5.19 5.91
CA PHE C 13 20.30 6.18 5.79
C PHE C 13 20.51 7.30 6.80
N LYS C 14 20.76 6.94 8.06
CA LYS C 14 20.98 7.93 9.12
C LYS C 14 22.10 8.90 8.72
N SER C 15 23.17 8.35 8.13
CA SER C 15 24.35 9.15 7.78
C SER C 15 24.09 10.02 6.56
N ARG C 16 23.40 9.48 5.55
CA ARG C 16 22.98 10.28 4.41
C ARG C 16 22.09 11.43 4.85
N LEU C 17 21.34 11.27 5.94
CA LEU C 17 20.46 12.33 6.41
C LEU C 17 21.17 13.36 7.29
N GLU C 18 22.41 13.08 7.73
CA GLU C 18 23.12 13.95 8.67
C GLU C 18 23.65 15.17 7.90
N LEU C 19 23.52 16.35 8.52
CA LEU C 19 24.18 17.53 7.97
C LEU C 19 25.68 17.33 7.89
N ASN C 20 26.27 17.67 6.75
CA ASN C 20 27.72 17.57 6.60
C ASN C 20 28.32 18.95 6.34
N GLU C 21 29.65 19.04 6.41
CA GLU C 21 30.33 20.34 6.38
C GLU C 21 30.23 21.03 5.03
N ARG C 22 30.20 20.27 3.93
CA ARG C 22 30.01 20.89 2.63
C ARG C 22 28.66 21.59 2.55
N GLU C 23 27.61 20.94 3.05
CA GLU C 23 26.31 21.59 3.12
C GLU C 23 26.35 22.84 4.01
N GLN C 24 27.02 22.75 5.15
CA GLN C 24 27.16 23.92 6.01
C GLN C 24 27.86 25.06 5.28
N LYS C 25 28.91 24.77 4.50
CA LYS C 25 29.57 25.84 3.74
C LYS C 25 28.58 26.53 2.81
N ASN C 26 27.76 25.75 2.12
CA ASN C 26 26.78 26.34 1.21
C ASN C 26 25.72 27.13 1.97
N ALA C 27 25.30 26.64 3.14
CA ALA C 27 24.33 27.39 3.93
C ALA C 27 24.90 28.73 4.35
N SER C 28 26.17 28.71 4.77
CA SER C 28 26.87 29.91 5.18
C SER C 28 27.00 30.90 4.02
N GLN C 29 27.32 30.40 2.82
N GLN C 29 27.32 30.40 2.82
CA GLN C 29 27.37 31.27 1.66
CA GLN C 29 27.38 31.27 1.65
C GLN C 29 26.01 31.92 1.39
C GLN C 29 26.02 31.92 1.39
N ARG C 30 24.93 31.15 1.46
CA ARG C 30 23.59 31.72 1.27
C ARG C 30 23.24 32.71 2.36
N GLN C 31 23.64 32.45 3.62
CA GLN C 31 23.40 33.43 4.68
C GLN C 31 24.06 34.75 4.34
N ASN C 32 25.35 34.71 3.97
CA ASN C 32 26.06 35.94 3.60
C ASN C 32 25.34 36.67 2.48
N GLU C 33 24.89 35.93 1.46
CA GLU C 33 24.25 36.54 0.30
C GLU C 33 22.97 37.26 0.70
N VAL C 34 22.10 36.59 1.44
CA VAL C 34 20.83 37.18 1.85
C VAL C 34 21.05 38.29 2.87
N ARG C 35 21.94 38.07 3.84
CA ARG C 35 22.21 39.11 4.85
C ARG C 35 22.79 40.37 4.21
N ASP C 36 23.83 40.23 3.38
CA ASP C 36 24.43 41.41 2.76
C ASP C 36 23.41 42.21 1.97
N TYR C 37 22.50 41.53 1.27
CA TYR C 37 21.45 42.23 0.55
C TYR C 37 20.46 42.91 1.49
N LEU C 38 19.95 42.17 2.47
CA LEU C 38 18.95 42.76 3.35
C LEU C 38 19.53 43.90 4.16
N GLN C 39 20.82 43.86 4.47
CA GLN C 39 21.43 44.94 5.23
C GLN C 39 21.46 46.26 4.48
N THR C 40 21.25 46.23 3.15
CA THR C 40 21.12 47.43 2.34
C THR C 40 19.72 48.01 2.35
N LYS C 41 18.74 47.26 2.88
CA LYS C 41 17.34 47.66 2.88
C LYS C 41 16.78 47.85 4.28
N PHE C 42 17.42 47.28 5.31
CA PHE C 42 16.97 47.35 6.69
C PHE C 42 18.19 47.46 7.61
N GLY C 43 17.98 48.05 8.78
CA GLY C 43 19.02 48.01 9.81
C GLY C 43 19.07 46.65 10.47
N ILE C 44 20.07 45.84 10.14
CA ILE C 44 20.21 44.49 10.68
C ILE C 44 21.56 44.40 11.37
N ALA C 45 21.50 44.09 12.68
CA ALA C 45 22.70 44.03 13.53
C ALA C 45 23.52 42.78 13.26
N ARG C 46 22.86 41.65 13.04
CA ARG C 46 23.54 40.38 12.86
C ARG C 46 22.48 39.41 12.36
N SER C 47 22.94 38.25 11.87
CA SER C 47 22.02 37.16 11.56
C SER C 47 22.67 35.85 11.97
N PHE C 48 21.84 34.81 12.07
CA PHE C 48 22.33 33.49 12.44
C PHE C 48 21.39 32.41 11.93
N LEU C 49 22.00 31.30 11.55
CA LEU C 49 21.26 30.11 11.15
C LEU C 49 20.74 29.41 12.40
N THR C 50 19.48 29.00 12.36
CA THR C 50 18.81 28.50 13.55
C THR C 50 17.77 27.44 13.14
N GLY C 51 16.92 27.06 14.09
CA GLY C 51 15.89 26.08 13.87
C GLY C 51 16.46 24.67 13.83
N SER C 52 15.70 23.77 13.19
CA SER C 52 16.12 22.37 13.12
C SER C 52 17.48 22.23 12.46
N TYR C 53 17.82 23.14 11.55
CA TYR C 53 19.12 23.09 10.88
C TYR C 53 20.27 23.04 11.89
N ALA C 54 20.20 23.90 12.90
CA ALA C 54 21.26 23.99 13.88
C ALA C 54 21.21 22.90 14.95
N ARG C 55 20.08 22.22 15.08
CA ARG C 55 19.93 21.14 16.03
C ARG C 55 20.23 19.77 15.42
N TYR C 56 20.63 19.73 14.15
CA TYR C 56 20.88 18.49 13.42
C TYR C 56 19.61 17.63 13.30
N THR C 57 18.44 18.26 13.26
CA THR C 57 17.17 17.56 13.11
C THR C 57 16.41 17.94 11.84
N LYS C 58 17.04 18.63 10.89
CA LYS C 58 16.42 18.92 9.61
C LYS C 58 16.73 17.75 8.66
N THR C 59 15.73 17.31 7.93
CA THR C 59 15.91 16.23 6.97
C THR C 59 16.49 16.75 5.66
N LYS C 60 16.65 15.85 4.71
CA LYS C 60 17.23 16.09 3.37
C LYS C 60 16.20 15.90 2.27
N PRO C 61 16.37 16.56 1.10
CA PRO C 61 17.26 17.70 0.87
C PRO C 61 16.94 18.83 1.88
N LEU C 62 17.92 19.69 2.15
CA LEU C 62 17.81 20.74 3.18
C LEU C 62 16.98 21.89 2.63
N LYS C 63 15.79 22.07 3.19
CA LYS C 63 14.86 23.07 2.71
C LYS C 63 14.45 23.91 3.91
N ASN C 64 14.06 25.16 3.64
CA ASN C 64 13.42 26.00 4.69
C ASN C 64 14.36 26.25 5.88
N ILE C 65 15.64 26.50 5.59
CA ILE C 65 16.65 26.76 6.63
C ILE C 65 16.42 28.16 7.20
N ASN C 66 16.15 28.23 8.51
CA ASN C 66 15.85 29.51 9.16
C ASN C 66 17.10 30.36 9.37
N ILE C 67 17.00 31.64 9.02
CA ILE C 67 18.00 32.66 9.36
C ILE C 67 17.22 33.74 10.12
N PHE C 68 17.63 34.02 11.34
CA PHE C 68 17.04 35.12 12.10
C PHE C 68 17.85 36.36 11.75
N PHE C 69 17.18 37.40 11.24
CA PHE C 69 17.80 38.69 10.91
C PHE C 69 17.49 39.63 12.07
N VAL C 70 18.47 39.91 12.90
CA VAL C 70 18.19 40.61 14.16
C VAL C 70 18.18 42.09 13.85
N LEU C 71 17.04 42.74 14.07
CA LEU C 71 16.84 44.13 13.66
C LEU C 71 17.40 45.14 14.66
N LYS C 72 17.97 46.24 14.14
CA LYS C 72 18.51 47.31 14.95
C LYS C 72 17.41 48.17 15.57
N ASP C 73 17.82 48.94 16.59
CA ASP C 73 16.88 49.82 17.26
C ASP C 73 16.23 50.79 16.29
N SER C 74 16.93 51.15 15.20
CA SER C 74 16.37 52.04 14.20
C SER C 74 15.16 51.45 13.49
N GLU C 75 14.97 50.14 13.58
CA GLU C 75 13.82 49.45 12.98
C GLU C 75 12.75 49.11 13.99
N LYS C 76 12.82 49.66 15.21
CA LYS C 76 11.94 49.23 16.28
C LYS C 76 10.47 49.57 16.01
N HIS C 77 10.19 50.52 15.12
CA HIS C 77 8.81 50.79 14.73
C HIS C 77 8.09 49.53 14.26
N TYR C 78 8.82 48.58 13.67
CA TYR C 78 8.15 47.37 13.21
C TYR C 78 7.60 46.56 14.37
N HIS C 79 8.24 46.62 15.52
CA HIS C 79 7.81 45.78 16.62
C HIS C 79 6.45 46.21 17.18
N GLY C 80 6.05 47.45 16.94
CA GLY C 80 4.75 47.91 17.38
C GLY C 80 3.66 47.80 16.34
N LYS C 81 3.93 47.18 15.20
CA LYS C 81 3.00 47.12 14.08
C LYS C 81 2.58 45.67 13.86
N ALA C 82 1.48 45.49 13.13
CA ALA C 82 1.01 44.15 12.78
C ALA C 82 2.14 43.33 12.17
N ALA C 83 2.17 42.03 12.49
CA ALA C 83 3.20 41.14 11.94
C ALA C 83 3.29 41.22 10.42
N SER C 84 2.16 41.38 9.74
CA SER C 84 2.17 41.38 8.28
C SER C 84 2.97 42.52 7.69
N VAL C 85 3.22 43.59 8.46
CA VAL C 85 3.94 44.73 7.91
C VAL C 85 5.41 44.38 7.66
N VAL C 86 6.10 43.86 8.66
CA VAL C 86 7.52 43.55 8.45
C VAL C 86 7.68 42.40 7.46
N LEU C 87 6.76 41.43 7.50
CA LEU C 87 6.89 40.33 6.54
C LEU C 87 6.67 40.81 5.13
N ASP C 88 5.68 41.68 4.92
CA ASP C 88 5.39 42.20 3.58
C ASP C 88 6.54 43.07 3.08
N ASP C 89 7.24 43.75 3.98
CA ASP C 89 8.41 44.54 3.58
C ASP C 89 9.62 43.67 3.27
N PHE C 90 9.87 42.62 4.06
CA PHE C 90 10.91 41.65 3.72
C PHE C 90 10.60 40.97 2.40
N HIS C 91 9.32 40.62 2.20
CA HIS C 91 8.90 39.99 0.94
C HIS C 91 9.18 40.89 -0.25
N SER C 92 8.74 42.16 -0.21
CA SER C 92 8.94 43.08 -1.33
C SER C 92 10.41 43.24 -1.67
N ALA C 93 11.27 43.40 -0.65
CA ALA C 93 12.69 43.55 -0.89
C ALA C 93 13.30 42.30 -1.52
N LEU C 94 12.91 41.12 -1.04
CA LEU C 94 13.48 39.89 -1.58
C LEU C 94 12.99 39.65 -3.01
N VAL C 95 11.74 40.04 -3.33
CA VAL C 95 11.26 39.91 -4.70
C VAL C 95 12.11 40.75 -5.66
N GLU C 96 12.57 41.92 -5.22
CA GLU C 96 13.36 42.77 -6.10
C GLU C 96 14.64 42.08 -6.50
N LYS C 97 15.22 41.28 -5.60
CA LYS C 97 16.47 40.58 -5.91
C LYS C 97 16.24 39.24 -6.62
N TYR C 98 15.29 38.46 -6.14
CA TYR C 98 15.14 37.07 -6.54
C TYR C 98 14.00 36.85 -7.54
N GLY C 99 13.14 37.84 -7.74
CA GLY C 99 11.97 37.69 -8.58
C GLY C 99 10.79 37.11 -7.80
N SER C 100 9.60 37.17 -8.42
CA SER C 100 8.39 36.83 -7.67
C SER C 100 8.26 35.32 -7.44
N ALA C 101 8.63 34.52 -8.44
CA ALA C 101 8.41 33.07 -8.36
C ALA C 101 9.21 32.41 -7.22
N ALA C 102 10.36 32.94 -6.88
CA ALA C 102 11.30 32.30 -5.97
C ALA C 102 11.09 32.71 -4.51
N VAL C 103 10.18 33.64 -4.24
CA VAL C 103 9.96 34.17 -2.90
C VAL C 103 8.51 33.92 -2.51
N ARG C 104 8.29 33.38 -1.30
CA ARG C 104 6.95 33.01 -0.84
C ARG C 104 6.75 33.43 0.60
N LYS C 105 5.65 34.13 0.88
CA LYS C 105 5.32 34.54 2.25
C LYS C 105 4.86 33.33 3.05
N GLN C 106 5.41 33.16 4.25
CA GLN C 106 4.98 32.12 5.18
C GLN C 106 4.52 32.76 6.51
N ALA C 107 4.09 31.92 7.46
CA ALA C 107 3.48 32.43 8.68
C ALA C 107 4.42 33.31 9.50
N ARG C 108 5.70 32.94 9.57
CA ARG C 108 6.66 33.62 10.42
C ARG C 108 8.01 33.79 9.73
N SER C 109 8.00 33.91 8.40
CA SER C 109 9.22 33.98 7.60
C SER C 109 8.81 34.17 6.15
N ILE C 110 9.80 34.57 5.35
CA ILE C 110 9.73 34.63 3.89
C ILE C 110 10.70 33.57 3.36
N ASN C 111 10.19 32.64 2.56
CA ASN C 111 11.04 31.61 1.94
C ASN C 111 11.65 32.14 0.65
N VAL C 112 12.96 31.86 0.46
CA VAL C 112 13.68 32.18 -0.77
C VAL C 112 14.19 30.86 -1.30
N ASP C 113 13.73 30.47 -2.48
CA ASP C 113 14.16 29.28 -3.18
C ASP C 113 15.28 29.63 -4.16
N PHE C 114 16.32 28.79 -4.19
CA PHE C 114 17.52 29.06 -4.99
C PHE C 114 17.57 28.30 -6.31
N GLY C 115 16.53 27.54 -6.66
CA GLY C 115 16.51 26.87 -7.96
C GLY C 115 17.53 25.76 -8.12
N VAL C 116 17.73 24.98 -7.09
CA VAL C 116 18.75 23.96 -7.04
C VAL C 116 18.21 22.67 -7.65
N HIS C 117 19.04 22.01 -8.44
CA HIS C 117 18.69 20.74 -9.04
C HIS C 117 18.78 19.61 -8.02
N ILE C 118 17.71 18.82 -7.93
CA ILE C 118 17.65 17.65 -7.06
C ILE C 118 17.66 16.43 -7.95
N ASP C 119 18.56 15.50 -7.65
CA ASP C 119 18.76 14.34 -8.50
C ASP C 119 17.92 13.15 -8.02
N ALA C 120 18.07 12.00 -8.69
CA ALA C 120 17.23 10.81 -8.48
C ALA C 120 17.47 10.12 -7.14
N GLU C 121 18.52 10.51 -6.41
CA GLU C 121 18.79 9.97 -5.09
C GLU C 121 18.57 11.01 -4.00
N ASP C 122 17.88 12.11 -4.34
CA ASP C 122 17.64 13.24 -3.44
C ASP C 122 18.94 13.94 -3.01
N ASN C 123 19.97 13.91 -3.86
CA ASN C 123 21.18 14.69 -3.67
C ASN C 123 21.14 16.00 -4.46
N THR C 124 21.92 16.98 -3.99
CA THR C 124 21.95 18.31 -4.59
C THR C 124 23.37 18.80 -4.83
N ASP C 125 24.36 17.91 -4.83
CA ASP C 125 25.77 18.31 -4.85
C ASP C 125 26.07 19.27 -3.69
N TYR C 126 25.56 18.91 -2.50
CA TYR C 126 25.88 19.58 -1.23
C TYR C 126 25.39 21.03 -1.21
N ARG C 127 24.30 21.30 -1.92
CA ARG C 127 23.69 22.61 -1.98
C ARG C 127 22.38 22.62 -1.18
N VAL C 128 22.13 23.71 -0.48
CA VAL C 128 20.85 23.92 0.18
C VAL C 128 19.78 24.42 -0.79
N VAL C 129 18.54 24.01 -0.55
CA VAL C 129 17.45 24.28 -1.47
C VAL C 129 16.83 25.64 -1.22
N SER C 130 16.68 26.05 0.05
CA SER C 130 15.94 27.29 0.29
C SER C 130 16.18 27.72 1.73
N VAL C 131 15.93 29.01 1.99
CA VAL C 131 16.03 29.58 3.33
C VAL C 131 14.73 30.27 3.73
N ASP C 132 14.45 30.25 5.04
CA ASP C 132 13.34 30.98 5.64
C ASP C 132 13.93 32.22 6.32
N ALA C 133 13.66 33.42 5.78
CA ALA C 133 14.20 34.66 6.34
C ALA C 133 13.24 35.17 7.41
N VAL C 134 13.74 35.35 8.65
CA VAL C 134 12.91 35.63 9.82
C VAL C 134 13.30 37.00 10.38
N PRO C 135 12.43 38.02 10.28
CA PRO C 135 12.68 39.24 11.07
C PRO C 135 12.58 38.93 12.55
N ALA C 136 13.53 39.42 13.34
CA ALA C 136 13.58 39.14 14.76
C ALA C 136 14.06 40.34 15.56
N PHE C 137 13.49 40.51 16.75
CA PHE C 137 14.04 41.41 17.75
C PHE C 137 14.62 40.61 18.90
N ASP C 138 15.81 40.98 19.33
CA ASP C 138 16.44 40.41 20.51
C ASP C 138 16.01 41.25 21.68
N THR C 139 15.14 40.71 22.52
CA THR C 139 14.63 41.46 23.66
C THR C 139 15.45 41.25 24.92
N GLY C 140 16.54 40.48 24.86
CA GLY C 140 17.45 40.32 25.97
C GLY C 140 17.53 38.87 26.39
N ASP C 141 16.39 38.31 26.78
CA ASP C 141 16.35 36.93 27.25
C ASP C 141 15.71 36.00 26.23
N GLN C 142 15.11 36.53 25.18
CA GLN C 142 14.52 35.68 24.15
C GLN C 142 14.39 36.53 22.90
N TYR C 143 13.90 35.92 21.84
CA TYR C 143 13.64 36.67 20.63
C TYR C 143 12.15 36.80 20.43
N GLU C 144 11.75 37.83 19.69
CA GLU C 144 10.38 37.93 19.19
C GLU C 144 10.40 37.92 17.66
N ILE C 145 9.45 37.18 17.09
CA ILE C 145 9.32 37.06 15.64
C ILE C 145 7.85 37.26 15.26
N PRO C 146 7.62 37.57 13.98
CA PRO C 146 6.23 37.83 13.54
C PRO C 146 5.38 36.56 13.46
N ASP C 147 4.09 36.72 13.78
CA ASP C 147 3.12 35.62 13.84
C ASP C 147 1.88 36.01 13.03
N THR C 148 1.77 35.49 11.80
CA THR C 148 0.67 35.89 10.93
C THR C 148 -0.66 35.45 11.48
N ALA C 149 -0.71 34.28 12.12
CA ALA C 149 -1.98 33.76 12.60
C ALA C 149 -2.63 34.71 13.58
N SER C 150 -1.86 35.22 14.55
CA SER C 150 -2.39 36.16 15.52
C SER C 150 -2.32 37.62 15.07
N GLY C 151 -1.47 37.95 14.11
CA GLY C 151 -1.23 39.33 13.73
C GLY C 151 -0.23 40.06 14.60
N LYS C 152 0.37 39.39 15.57
CA LYS C 152 1.30 40.02 16.49
C LYS C 152 2.65 39.33 16.50
N TRP C 153 3.51 39.72 17.43
CA TRP C 153 4.83 39.15 17.60
C TRP C 153 4.77 38.13 18.73
N ILE C 154 5.45 37.01 18.52
CA ILE C 154 5.49 35.93 19.50
C ILE C 154 6.92 35.73 19.99
N LYS C 155 7.06 35.15 21.16
CA LYS C 155 8.37 34.91 21.75
C LYS C 155 8.86 33.51 21.41
N THR C 156 10.16 33.40 21.21
CA THR C 156 10.83 32.11 20.98
C THR C 156 12.26 32.13 21.52
N ASP C 157 12.74 30.95 21.90
CA ASP C 157 14.16 30.79 22.26
C ASP C 157 14.65 29.49 21.65
N PRO C 158 15.16 29.54 20.42
CA PRO C 158 15.60 28.29 19.78
C PRO C 158 16.65 27.56 20.58
N GLU C 159 17.38 28.25 21.47
CA GLU C 159 18.39 27.53 22.24
C GLU C 159 17.76 26.52 23.18
N ILE C 160 16.54 26.77 23.68
CA ILE C 160 15.87 25.80 24.56
C ILE C 160 15.49 24.56 23.77
N HIS C 161 14.99 24.75 22.53
CA HIS C 161 14.73 23.65 21.63
C HIS C 161 15.99 22.84 21.35
N LYS C 162 17.12 23.52 21.17
CA LYS C 162 18.39 22.79 21.01
C LYS C 162 18.73 21.97 22.24
N ASP C 163 18.57 22.54 23.44
CA ASP C 163 18.93 21.81 24.67
C ASP C 163 18.04 20.60 24.85
N LYS C 164 16.74 20.74 24.55
CA LYS C 164 15.84 19.63 24.78
C LYS C 164 16.10 18.50 23.79
N ALA C 165 16.48 18.83 22.56
CA ALA C 165 16.84 17.81 21.59
C ALA C 165 18.13 17.09 21.98
N THR C 166 19.15 17.84 22.42
CA THR C 166 20.38 17.22 22.90
C THR C 166 20.11 16.30 24.08
N ALA C 167 19.25 16.70 25.01
CA ALA C 167 18.95 15.83 26.14
C ALA C 167 18.25 14.52 25.71
N ALA C 168 17.29 14.62 24.78
CA ALA C 168 16.60 13.41 24.30
C ALA C 168 17.58 12.49 23.57
N HIS C 169 18.47 13.08 22.78
CA HIS C 169 19.46 12.32 22.01
C HIS C 169 20.40 11.54 22.95
N GLN C 170 20.94 12.23 23.95
CA GLN C 170 21.78 11.58 24.95
C GLN C 170 21.06 10.41 25.61
N ALA C 171 19.75 10.56 25.86
CA ALA C 171 19.01 9.52 26.55
C ALA C 171 18.58 8.37 25.63
N TYR C 172 18.84 8.48 24.34
CA TYR C 172 18.38 7.53 23.34
C TYR C 172 19.55 6.93 22.58
N ALA C 173 20.68 6.74 23.27
CA ALA C 173 21.86 6.11 22.69
C ALA C 173 22.28 6.81 21.40
N ASN C 174 22.04 8.11 21.34
CA ASN C 174 22.44 8.98 20.23
C ASN C 174 21.71 8.61 18.93
N GLU C 175 20.48 8.10 19.06
CA GLU C 175 19.69 7.72 17.89
C GLU C 175 18.47 8.61 17.69
N TRP C 176 18.19 9.53 18.62
CA TRP C 176 16.95 10.28 18.59
C TRP C 176 16.91 11.21 17.37
N LYS C 177 17.96 12.00 17.17
CA LYS C 177 17.91 12.95 16.07
C LYS C 177 17.78 12.23 14.74
N GLY C 178 18.45 11.09 14.58
CA GLY C 178 18.29 10.31 13.36
C GLY C 178 16.85 9.87 13.11
N LEU C 179 16.20 9.32 14.13
CA LEU C 179 14.82 8.87 13.97
C LEU C 179 13.90 10.02 13.57
N VAL C 180 14.09 11.18 14.21
CA VAL C 180 13.33 12.37 13.85
C VAL C 180 13.55 12.74 12.38
N ARG C 181 14.80 12.75 11.93
CA ARG C 181 15.07 13.08 10.53
C ARG C 181 14.45 12.09 9.56
N MET C 182 14.41 10.80 9.92
CA MET C 182 13.83 9.81 9.01
C MET C 182 12.32 9.97 8.91
N VAL C 183 11.64 10.27 10.01
CA VAL C 183 10.21 10.50 9.95
C VAL C 183 9.89 11.79 9.22
N LYS C 184 10.75 12.82 9.34
CA LYS C 184 10.52 14.03 8.58
C LYS C 184 10.74 13.75 7.09
N TYR C 185 11.65 12.83 6.76
CA TYR C 185 11.85 12.45 5.37
C TYR C 185 10.57 11.81 4.82
N TRP C 186 10.00 10.87 5.59
CA TRP C 186 8.69 10.31 5.23
C TRP C 186 7.63 11.40 5.05
N ASN C 187 7.59 12.35 5.99
CA ASN C 187 6.58 13.41 5.95
C ASN C 187 6.70 14.27 4.70
N ASN C 188 7.90 14.40 4.14
CA ASN C 188 8.13 15.20 2.94
C ASN C 188 7.87 14.40 1.67
N ASN C 189 7.52 13.14 1.76
CA ASN C 189 7.44 12.29 0.58
C ASN C 189 6.34 12.77 -0.36
N PRO C 190 6.65 13.08 -1.63
CA PRO C 190 5.60 13.52 -2.58
C PRO C 190 4.48 12.52 -2.80
N LYS C 191 4.65 11.27 -2.39
CA LYS C 191 3.60 10.29 -2.56
C LYS C 191 2.35 10.69 -1.81
N HIS C 192 2.49 11.56 -0.81
CA HIS C 192 1.34 11.99 -0.04
C HIS C 192 0.57 13.13 -0.69
N GLY C 193 1.05 13.66 -1.80
CA GLY C 193 0.43 14.81 -2.40
C GLY C 193 1.20 16.09 -2.14
N ASP C 194 0.51 17.21 -2.38
CA ASP C 194 0.97 18.58 -2.15
C ASP C 194 0.91 19.00 -0.67
N LEU C 195 0.19 18.24 0.15
CA LEU C 195 -0.04 18.54 1.56
C LEU C 195 0.61 17.46 2.42
N LYS C 196 1.50 17.86 3.30
CA LYS C 196 2.22 16.91 4.13
C LYS C 196 1.26 16.25 5.14
N PRO C 197 1.53 15.01 5.52
CA PRO C 197 0.69 14.41 6.58
C PRO C 197 0.65 15.20 7.87
N VAL C 198 1.79 15.73 8.31
CA VAL C 198 1.89 16.49 9.57
C VAL C 198 2.39 17.90 9.23
N LYS C 199 1.60 18.91 9.58
CA LYS C 199 1.95 20.30 9.43
C LYS C 199 1.98 20.97 10.80
N PRO C 200 3.06 21.69 11.18
CA PRO C 200 4.33 21.82 10.46
C PRO C 200 5.26 20.63 10.74
N SER C 201 6.30 20.52 9.93
CA SER C 201 7.33 19.50 10.13
C SER C 201 7.89 19.55 11.55
N PHE C 202 8.09 20.74 12.09
CA PHE C 202 8.59 20.90 13.45
C PHE C 202 7.75 20.11 14.46
N LEU C 203 6.44 19.94 14.21
CA LEU C 203 5.60 19.20 15.15
C LEU C 203 6.09 17.77 15.37
N ILE C 204 6.64 17.13 14.34
CA ILE C 204 7.17 15.79 14.51
C ILE C 204 8.24 15.79 15.58
N GLU C 205 9.12 16.81 15.59
CA GLU C 205 10.19 16.88 16.58
C GLU C 205 9.65 17.18 17.97
N VAL C 206 8.68 18.08 18.05
CA VAL C 206 8.05 18.38 19.33
C VAL C 206 7.41 17.12 19.92
N MET C 207 6.68 16.39 19.11
CA MET C 207 6.03 15.16 19.59
C MET C 207 7.06 14.13 20.01
N ALA C 208 8.16 14.02 19.26
CA ALA C 208 9.20 13.02 19.51
C ALA C 208 9.86 13.21 20.87
N LEU C 209 9.86 14.43 21.42
CA LEU C 209 10.37 14.62 22.76
C LEU C 209 9.63 13.77 23.80
N GLU C 210 8.37 13.42 23.55
CA GLU C 210 7.61 12.55 24.44
C GLU C 210 7.28 11.19 23.86
N CYS C 211 7.14 11.09 22.54
CA CYS C 211 6.70 9.85 21.86
C CYS C 211 7.84 8.86 21.67
N LEU C 212 9.08 9.28 21.83
CA LEU C 212 10.21 8.38 22.00
C LEU C 212 10.58 8.39 23.47
N TYR C 213 10.57 7.22 24.10
CA TYR C 213 10.80 7.13 25.52
C TYR C 213 11.36 5.74 25.84
N GLY C 214 11.84 5.58 27.07
CA GLY C 214 12.36 4.31 27.52
C GLY C 214 13.73 3.96 26.97
N GLY C 215 14.38 4.91 26.31
CA GLY C 215 15.68 4.66 25.72
C GLY C 215 15.57 3.81 24.46
N TRP C 216 16.72 3.62 23.84
CA TRP C 216 16.80 2.86 22.59
C TRP C 216 16.56 1.38 22.88
N GLY C 217 15.69 0.77 22.08
CA GLY C 217 15.25 -0.60 22.30
C GLY C 217 16.08 -1.67 21.62
N GLY C 218 16.95 -1.32 20.67
CA GLY C 218 17.85 -2.26 20.02
C GLY C 218 17.74 -2.31 18.50
N SER C 219 16.59 -1.93 17.93
CA SER C 219 16.35 -2.07 16.48
C SER C 219 15.77 -0.83 15.81
N PHE C 220 16.39 -0.39 14.71
CA PHE C 220 15.79 0.68 13.92
C PHE C 220 14.38 0.31 13.45
N ASP C 221 14.20 -0.91 12.95
CA ASP C 221 12.89 -1.17 12.33
C ASP C 221 11.78 -1.14 13.37
N ARG C 222 12.01 -1.75 14.53
CA ARG C 222 11.02 -1.71 15.60
C ARG C 222 10.84 -0.30 16.14
N GLU C 223 11.94 0.44 16.34
CA GLU C 223 11.77 1.80 16.86
C GLU C 223 10.93 2.63 15.90
N ILE C 224 11.16 2.52 14.60
CA ILE C 224 10.39 3.30 13.64
C ILE C 224 8.92 2.89 13.69
N GLN C 225 8.63 1.60 13.71
CA GLN C 225 7.22 1.15 13.73
C GLN C 225 6.51 1.70 14.96
N SER C 226 7.12 1.54 16.13
CA SER C 226 6.53 2.03 17.37
C SER C 226 6.39 3.55 17.38
N PHE C 227 7.40 4.25 16.84
CA PHE C 227 7.34 5.72 16.77
C PHE C 227 6.13 6.17 15.93
N PHE C 228 5.94 5.61 14.74
CA PHE C 228 4.80 5.98 13.90
C PHE C 228 3.49 5.68 14.62
N ALA C 229 3.38 4.52 15.27
CA ALA C 229 2.12 4.17 15.92
C ALA C 229 1.80 5.12 17.06
N THR C 230 2.82 5.56 17.81
CA THR C 230 2.58 6.47 18.92
C THR C 230 2.26 7.88 18.41
N LEU C 231 2.96 8.32 17.36
CA LEU C 231 2.60 9.58 16.71
C LEU C 231 1.13 9.59 16.26
N ALA C 232 0.67 8.48 15.68
CA ALA C 232 -0.70 8.42 15.22
C ALA C 232 -1.67 8.56 16.38
N ASP C 233 -1.38 7.89 17.51
CA ASP C 233 -2.25 7.91 18.68
C ASP C 233 -2.27 9.24 19.40
N ARG C 234 -1.23 10.07 19.25
CA ARG C 234 -1.12 11.32 20.00
C ARG C 234 -1.14 12.59 19.15
N VAL C 235 -1.34 12.50 17.82
CA VAL C 235 -1.35 13.70 17.00
C VAL C 235 -2.55 14.61 17.29
N HIS C 236 -3.61 14.09 17.92
CA HIS C 236 -4.72 14.92 18.37
C HIS C 236 -4.54 15.55 19.74
N ASP C 237 -3.49 15.20 20.48
CA ASP C 237 -3.25 15.86 21.76
C ASP C 237 -2.77 17.30 21.53
N GLU C 238 -2.81 18.11 22.60
CA GLU C 238 -2.27 19.46 22.50
C GLU C 238 -0.76 19.40 22.72
N TRP C 239 -0.02 20.10 21.86
CA TRP C 239 1.44 20.13 21.90
C TRP C 239 1.90 21.58 22.04
N PRO C 240 2.07 22.07 23.25
CA PRO C 240 2.63 23.41 23.42
C PRO C 240 4.07 23.51 22.93
N ASP C 241 4.49 24.75 22.65
CA ASP C 241 5.90 25.09 22.58
C ASP C 241 6.61 24.43 23.75
N PRO C 242 7.54 23.51 23.50
CA PRO C 242 8.29 22.89 24.61
C PRO C 242 8.98 23.89 25.53
N ALA C 243 9.37 25.05 25.03
CA ALA C 243 10.00 26.09 25.83
C ALA C 243 8.98 26.93 26.60
N GLY C 244 7.70 26.82 26.30
CA GLY C 244 6.70 27.57 27.03
C GLY C 244 6.67 29.06 26.74
N LEU C 245 7.12 29.48 25.55
CA LEU C 245 7.14 30.87 25.15
C LEU C 245 6.11 31.21 24.09
N GLY C 246 6.05 30.45 23.00
CA GLY C 246 5.24 30.77 21.86
C GLY C 246 3.91 30.04 21.87
N PRO C 247 3.12 30.21 20.82
CA PRO C 247 1.83 29.52 20.74
C PRO C 247 2.02 28.04 20.51
N ALA C 248 0.93 27.30 20.70
CA ALA C 248 1.00 25.85 20.57
C ALA C 248 1.36 25.45 19.14
N ILE C 249 2.11 24.34 19.03
CA ILE C 249 2.64 23.85 17.77
C ILE C 249 1.56 23.13 16.99
N SER C 250 0.56 22.60 17.68
CA SER C 250 -0.42 21.72 17.05
C SER C 250 -1.64 22.45 16.47
N ASN C 251 -1.55 23.76 16.25
CA ASN C 251 -2.75 24.50 15.87
C ASN C 251 -2.84 24.85 14.39
N ASP C 252 -1.95 24.34 13.55
CA ASP C 252 -1.97 24.68 12.13
C ASP C 252 -2.73 23.68 11.28
N MET C 253 -3.34 22.68 11.88
CA MET C 253 -4.10 21.68 11.16
C MET C 253 -5.54 21.71 11.66
N ASP C 254 -6.47 21.87 10.72
CA ASP C 254 -7.88 21.77 11.04
C ASP C 254 -8.28 20.32 11.34
N ALA C 255 -9.55 20.13 11.68
CA ALA C 255 -9.98 18.82 12.18
C ALA C 255 -9.77 17.74 11.13
N ALA C 256 -10.16 18.02 9.89
CA ALA C 256 -10.01 17.01 8.83
C ALA C 256 -8.55 16.72 8.57
N ARG C 257 -7.70 17.75 8.70
CA ARG C 257 -6.28 17.57 8.42
C ARG C 257 -5.62 16.73 9.50
N LYS C 258 -6.04 16.91 10.77
CA LYS C 258 -5.52 16.06 11.84
C LYS C 258 -6.00 14.62 11.69
N GLN C 259 -7.26 14.43 11.27
CA GLN C 259 -7.72 13.06 11.03
C GLN C 259 -6.88 12.42 9.93
N ARG C 260 -6.55 13.18 8.88
CA ARG C 260 -5.68 12.66 7.83
C ARG C 260 -4.31 12.30 8.36
N ALA C 261 -3.75 13.16 9.21
CA ALA C 261 -2.44 12.90 9.78
C ALA C 261 -2.45 11.57 10.54
N GLN C 262 -3.45 11.39 11.41
CA GLN C 262 -3.54 10.13 12.17
C GLN C 262 -3.64 8.95 11.21
N GLN C 263 -4.44 9.09 10.16
CA GLN C 263 -4.62 7.98 9.24
C GLN C 263 -3.31 7.66 8.53
N LEU C 264 -2.60 8.67 8.03
CA LEU C 264 -1.37 8.40 7.28
C LEU C 264 -0.25 7.91 8.20
N LEU C 265 -0.18 8.45 9.41
CA LEU C 265 0.78 7.94 10.38
C LEU C 265 0.52 6.48 10.71
N PHE C 266 -0.75 6.11 10.93
CA PHE C 266 -1.08 4.73 11.24
C PHE C 266 -0.77 3.81 10.06
N GLN C 267 -1.06 4.26 8.84
CA GLN C 267 -0.70 3.47 7.66
C GLN C 267 0.80 3.24 7.57
N ALA C 268 1.60 4.26 7.88
CA ALA C 268 3.05 4.10 7.95
C ALA C 268 3.44 3.05 8.99
N SER C 269 2.76 3.04 10.14
N SER C 269 2.77 3.05 10.14
CA SER C 269 3.08 2.03 11.15
CA SER C 269 3.06 2.03 11.14
C SER C 269 2.76 0.63 10.63
C SER C 269 2.78 0.64 10.61
N GLN C 270 1.75 0.51 9.77
CA GLN C 270 1.38 -0.79 9.21
C GLN C 270 2.32 -1.19 8.10
N ASP C 271 2.73 -0.21 7.28
CA ASP C 271 3.77 -0.50 6.29
C ASP C 271 5.06 -0.97 6.98
N ALA C 272 5.44 -0.32 8.08
CA ALA C 272 6.63 -0.74 8.80
C ALA C 272 6.48 -2.15 9.37
N SER C 273 5.29 -2.49 9.87
CA SER C 273 5.06 -3.83 10.41
C SER C 273 5.26 -4.89 9.33
N ILE C 274 4.88 -4.59 8.10
CA ILE C 274 5.12 -5.48 6.97
C ILE C 274 6.61 -5.65 6.73
N ALA C 275 7.38 -4.56 6.77
CA ALA C 275 8.83 -4.66 6.58
C ALA C 275 9.50 -5.47 7.70
N ILE C 276 9.02 -5.32 8.94
CA ILE C 276 9.55 -6.11 10.05
C ILE C 276 9.27 -7.59 9.83
N ASP C 277 8.03 -7.91 9.41
CA ASP C 277 7.67 -9.28 9.16
C ASP C 277 8.56 -9.92 8.12
N HIS C 278 8.84 -9.20 7.03
CA HIS C 278 9.79 -9.70 6.03
C HIS C 278 11.14 -10.01 6.68
N ALA C 279 11.70 -9.03 7.41
CA ALA C 279 13.03 -9.23 7.98
C ALA C 279 13.02 -10.40 8.94
N ARG C 280 12.07 -10.42 9.88
CA ARG C 280 12.02 -11.49 10.86
C ARG C 280 11.90 -12.87 10.22
N ARG C 281 11.34 -12.97 9.01
CA ARG C 281 11.25 -14.26 8.34
C ARG C 281 12.40 -14.52 7.36
N GLY C 282 13.44 -13.70 7.39
CA GLY C 282 14.60 -13.95 6.55
C GLY C 282 14.52 -13.39 5.15
N ARG C 283 13.51 -12.56 4.84
CA ARG C 283 13.33 -11.99 3.51
C ARG C 283 13.91 -10.58 3.55
N ASN C 284 15.26 -10.51 3.55
CA ASN C 284 15.96 -9.26 3.78
C ASN C 284 15.77 -8.29 2.61
N ILE C 285 15.83 -8.79 1.39
CA ILE C 285 15.65 -7.91 0.24
C ILE C 285 14.24 -7.34 0.21
N GLU C 286 13.24 -8.18 0.49
CA GLU C 286 11.86 -7.73 0.50
C GLU C 286 11.66 -6.66 1.56
N ALA C 287 12.30 -6.82 2.72
CA ALA C 287 12.25 -5.79 3.76
C ALA C 287 12.87 -4.48 3.29
N LEU C 288 14.06 -4.55 2.69
CA LEU C 288 14.67 -3.33 2.17
C LEU C 288 13.71 -2.58 1.23
N ARG C 289 13.06 -3.31 0.31
CA ARG C 289 12.17 -2.70 -0.66
C ARG C 289 10.96 -2.10 0.03
N ALA C 290 10.41 -2.78 1.03
CA ALA C 290 9.29 -2.21 1.77
C ALA C 290 9.69 -0.89 2.44
N TRP C 291 10.90 -0.82 2.98
CA TRP C 291 11.37 0.40 3.65
C TRP C 291 11.59 1.52 2.63
N ARG C 292 12.16 1.20 1.50
CA ARG C 292 12.29 2.24 0.47
C ARG C 292 10.92 2.74 -0.01
N ALA C 293 9.90 1.87 -0.05
CA ALA C 293 8.59 2.32 -0.50
C ALA C 293 7.99 3.29 0.52
N LEU C 294 8.27 3.04 1.78
CA LEU C 294 7.83 3.92 2.86
C LEU C 294 8.52 5.27 2.80
N PHE C 295 9.86 5.27 2.71
CA PHE C 295 10.63 6.50 2.95
C PHE C 295 10.82 7.30 1.69
N GLY C 296 11.41 6.68 0.68
CA GLY C 296 11.82 7.36 -0.53
C GLY C 296 13.23 7.01 -0.96
N PRO C 297 13.69 7.67 -2.02
CA PRO C 297 14.89 7.18 -2.74
C PRO C 297 16.20 7.23 -1.93
N LYS C 298 16.26 8.03 -0.87
CA LYS C 298 17.44 8.11 -0.04
C LYS C 298 17.66 6.88 0.80
N PHE C 299 16.63 6.09 1.02
CA PHE C 299 16.83 4.85 1.76
C PHE C 299 17.56 3.86 0.85
N PRO C 300 18.66 3.25 1.29
CA PRO C 300 19.47 2.45 0.36
C PRO C 300 18.87 1.07 0.16
N LEU C 301 18.92 0.59 -1.09
CA LEU C 301 18.65 -0.81 -1.41
C LEU C 301 19.92 -1.65 -1.44
N SER C 302 21.08 -1.03 -1.59
CA SER C 302 22.32 -1.80 -1.74
C SER C 302 23.54 -0.89 -1.64
N ALA D 3 5.95 10.52 30.88
CA ALA D 3 5.72 9.79 32.17
C ALA D 3 5.23 8.38 31.88
N LEU D 4 5.98 7.38 32.37
CA LEU D 4 5.86 6.00 31.90
C LEU D 4 4.64 5.31 32.52
N SER D 5 3.71 4.87 31.68
CA SER D 5 2.57 4.07 32.10
C SER D 5 2.95 2.59 32.16
N ILE D 6 2.10 1.77 32.79
CA ILE D 6 2.38 0.32 32.85
C ILE D 6 2.44 -0.28 31.46
N ASP D 7 1.49 0.06 30.60
CA ASP D 7 1.50 -0.51 29.25
C ASP D 7 2.73 -0.07 28.47
N GLU D 8 3.12 1.20 28.60
CA GLU D 8 4.32 1.68 27.90
C GLU D 8 5.55 0.93 28.39
N ALA D 9 5.61 0.66 29.69
CA ALA D 9 6.74 -0.04 30.26
C ALA D 9 6.81 -1.46 29.74
N PHE D 10 5.67 -2.14 29.70
CA PHE D 10 5.67 -3.52 29.21
C PHE D 10 5.99 -3.58 27.74
N ARG D 11 5.52 -2.61 26.96
CA ARG D 11 5.83 -2.57 25.53
C ARG D 11 7.31 -2.30 25.29
N LYS D 12 7.94 -1.46 26.11
CA LYS D 12 9.39 -1.28 25.99
C LYS D 12 10.15 -2.51 26.47
N PHE D 13 9.68 -3.14 27.54
CA PHE D 13 10.26 -4.41 28.00
C PHE D 13 10.21 -5.44 26.87
N LYS D 14 9.04 -5.61 26.25
CA LYS D 14 8.92 -6.56 25.14
C LYS D 14 9.98 -6.31 24.07
N SER D 15 10.20 -5.03 23.72
CA SER D 15 11.13 -4.69 22.65
C SER D 15 12.59 -4.88 23.08
N ARG D 16 12.90 -4.62 24.34
CA ARG D 16 14.24 -4.91 24.88
C ARG D 16 14.53 -6.40 24.83
N LEU D 17 13.51 -7.23 25.03
CA LEU D 17 13.64 -8.68 25.02
C LEU D 17 13.65 -9.26 23.61
N GLU D 18 13.38 -8.47 22.58
CA GLU D 18 13.28 -8.97 21.21
C GLU D 18 14.68 -9.10 20.60
N LEU D 19 14.90 -10.21 19.92
CA LEU D 19 16.15 -10.41 19.21
C LEU D 19 16.31 -9.33 18.16
N ASN D 20 17.47 -8.68 18.15
CA ASN D 20 17.73 -7.65 17.16
C ASN D 20 18.87 -8.08 16.26
N GLU D 21 19.01 -7.35 15.16
CA GLU D 21 19.89 -7.78 14.09
C GLU D 21 21.37 -7.73 14.47
N ARG D 22 21.80 -6.76 15.29
CA ARG D 22 23.18 -6.77 15.76
C ARG D 22 23.49 -8.04 16.56
N GLU D 23 22.54 -8.52 17.39
CA GLU D 23 22.74 -9.77 18.12
C GLU D 23 22.78 -10.94 17.17
N GLN D 24 21.90 -10.93 16.18
CA GLN D 24 21.93 -11.98 15.17
C GLN D 24 23.28 -12.04 14.45
N LYS D 25 23.86 -10.87 14.10
CA LYS D 25 25.19 -10.85 13.50
C LYS D 25 26.24 -11.42 14.44
N ASN D 26 26.16 -11.12 15.73
CA ASN D 26 27.10 -11.75 16.65
C ASN D 26 26.88 -13.27 16.75
N ALA D 27 25.63 -13.71 16.75
CA ALA D 27 25.36 -15.14 16.84
C ALA D 27 25.91 -15.85 15.62
N SER D 28 25.77 -15.22 14.44
CA SER D 28 26.33 -15.79 13.22
C SER D 28 27.84 -15.87 13.28
N GLN D 29 28.49 -14.84 13.82
N GLN D 29 28.49 -14.83 13.82
CA GLN D 29 29.94 -14.88 14.00
CA GLN D 29 29.94 -14.87 14.01
C GLN D 29 30.33 -16.07 14.87
C GLN D 29 30.34 -16.05 14.88
N ARG D 30 29.64 -16.27 15.99
CA ARG D 30 29.98 -17.38 16.86
C ARG D 30 29.70 -18.73 16.22
N GLN D 31 28.65 -18.83 15.40
CA GLN D 31 28.44 -20.08 14.69
C GLN D 31 29.59 -20.38 13.74
N ASN D 32 30.08 -19.37 13.02
CA ASN D 32 31.19 -19.60 12.12
C ASN D 32 32.42 -20.05 12.89
N GLU D 33 32.68 -19.38 14.00
CA GLU D 33 33.83 -19.71 14.84
C GLU D 33 33.76 -21.16 15.27
N VAL D 34 32.62 -21.58 15.83
CA VAL D 34 32.55 -22.92 16.39
C VAL D 34 32.47 -23.98 15.30
N ARG D 35 31.70 -23.71 14.24
CA ARG D 35 31.59 -24.63 13.11
C ARG D 35 32.93 -24.86 12.42
N ASP D 36 33.64 -23.77 12.08
CA ASP D 36 34.95 -23.89 11.45
C ASP D 36 35.89 -24.75 12.31
N TYR D 37 35.87 -24.52 13.62
CA TYR D 37 36.76 -25.29 14.48
C TYR D 37 36.33 -26.76 14.50
N LEU D 38 35.05 -27.02 14.74
CA LEU D 38 34.59 -28.40 14.85
C LEU D 38 34.75 -29.17 13.55
N GLN D 39 34.74 -28.47 12.40
CA GLN D 39 34.91 -29.16 11.13
C GLN D 39 36.33 -29.70 10.95
N THR D 40 37.30 -29.19 11.72
CA THR D 40 38.62 -29.81 11.70
C THR D 40 38.71 -31.03 12.60
N LYS D 41 37.72 -31.25 13.48
CA LYS D 41 37.73 -32.38 14.42
C LYS D 41 36.70 -33.47 14.08
N PHE D 42 35.66 -33.13 13.32
CA PHE D 42 34.59 -34.06 12.98
C PHE D 42 34.13 -33.78 11.55
N GLY D 43 33.62 -34.82 10.90
CA GLY D 43 32.99 -34.61 9.61
C GLY D 43 31.61 -34.00 9.82
N ILE D 44 31.48 -32.72 9.53
CA ILE D 44 30.24 -31.97 9.73
C ILE D 44 29.83 -31.36 8.38
N ALA D 45 28.64 -31.77 7.91
CA ALA D 45 28.12 -31.31 6.62
C ALA D 45 27.73 -29.85 6.66
N ARG D 46 27.16 -29.41 7.78
CA ARG D 46 26.60 -28.06 7.83
C ARG D 46 26.15 -27.88 9.26
N SER D 47 25.83 -26.64 9.63
CA SER D 47 25.24 -26.33 10.93
C SER D 47 24.19 -25.25 10.77
N PHE D 48 23.27 -25.19 11.73
CA PHE D 48 22.30 -24.11 11.72
C PHE D 48 21.90 -23.75 13.16
N LEU D 49 21.59 -22.47 13.36
CA LEU D 49 21.03 -21.99 14.60
C LEU D 49 19.55 -22.38 14.72
N THR D 50 19.15 -22.82 15.91
CA THR D 50 17.80 -23.38 16.07
C THR D 50 17.33 -23.18 17.51
N GLY D 51 16.24 -23.85 17.85
CA GLY D 51 15.71 -23.69 19.18
C GLY D 51 14.95 -22.39 19.29
N SER D 52 14.77 -21.98 20.56
CA SER D 52 14.00 -20.78 20.87
C SER D 52 14.63 -19.56 20.25
N TYR D 53 15.95 -19.58 20.06
CA TYR D 53 16.61 -18.49 19.37
C TYR D 53 15.94 -18.18 18.02
N ALA D 54 15.63 -19.21 17.24
CA ALA D 54 15.11 -19.03 15.90
C ALA D 54 13.60 -18.79 15.88
N ARG D 55 12.94 -19.07 16.99
CA ARG D 55 11.50 -18.87 17.13
C ARG D 55 11.18 -17.53 17.75
N TYR D 56 12.19 -16.70 18.05
CA TYR D 56 12.01 -15.41 18.71
C TYR D 56 11.37 -15.56 20.11
N THR D 57 11.64 -16.68 20.79
CA THR D 57 11.17 -16.96 22.14
C THR D 57 12.29 -17.14 23.15
N LYS D 58 13.52 -16.76 22.80
CA LYS D 58 14.61 -16.79 23.77
C LYS D 58 14.66 -15.45 24.50
N THR D 59 14.83 -15.52 25.81
CA THR D 59 14.95 -14.28 26.59
C THR D 59 16.37 -13.72 26.56
N LYS D 60 16.58 -12.57 27.22
CA LYS D 60 17.84 -11.85 27.29
C LYS D 60 18.41 -11.91 28.70
N PRO D 61 19.74 -11.81 28.87
CA PRO D 61 20.78 -11.89 27.84
C PRO D 61 20.67 -13.22 27.12
N LEU D 62 21.08 -13.26 25.83
CA LEU D 62 20.94 -14.49 25.03
C LEU D 62 21.96 -15.54 25.44
N LYS D 63 21.47 -16.62 26.05
CA LYS D 63 22.32 -17.71 26.50
C LYS D 63 21.80 -19.02 25.91
N ASN D 64 22.70 -19.97 25.75
CA ASN D 64 22.34 -21.36 25.43
C ASN D 64 21.66 -21.44 24.05
N ILE D 65 22.24 -20.71 23.09
CA ILE D 65 21.73 -20.70 21.72
C ILE D 65 22.13 -22.01 21.06
N ASN D 66 21.14 -22.80 20.64
CA ASN D 66 21.44 -24.08 20.00
C ASN D 66 21.97 -23.93 18.58
N ILE D 67 23.07 -24.63 18.28
CA ILE D 67 23.55 -24.87 16.91
C ILE D 67 23.51 -26.37 16.73
N PHE D 68 22.76 -26.85 15.73
CA PHE D 68 22.82 -28.26 15.35
C PHE D 68 24.00 -28.45 14.40
N PHE D 69 24.90 -29.36 14.73
CA PHE D 69 25.99 -29.72 13.83
C PHE D 69 25.65 -31.06 13.20
N VAL D 70 25.29 -31.01 11.92
CA VAL D 70 24.79 -32.17 11.18
C VAL D 70 25.98 -33.02 10.74
N LEU D 71 26.03 -34.26 11.21
CA LEU D 71 27.21 -35.10 11.06
C LEU D 71 27.18 -35.82 9.71
N LYS D 72 28.36 -35.97 9.10
CA LYS D 72 28.48 -36.68 7.84
C LYS D 72 28.29 -38.19 8.03
N ASP D 73 28.04 -38.88 6.93
CA ASP D 73 27.96 -40.33 6.95
C ASP D 73 29.25 -40.96 7.47
N SER D 74 30.40 -40.30 7.29
CA SER D 74 31.63 -40.79 7.88
C SER D 74 31.58 -40.88 9.40
N GLU D 75 30.68 -40.14 10.06
CA GLU D 75 30.57 -40.15 11.51
C GLU D 75 29.43 -41.04 12.02
N LYS D 76 28.87 -41.89 11.14
CA LYS D 76 27.70 -42.68 11.49
C LYS D 76 27.93 -43.63 12.65
N HIS D 77 29.19 -44.03 12.90
CA HIS D 77 29.47 -44.88 14.06
C HIS D 77 28.90 -44.29 15.35
N TYR D 78 28.84 -42.98 15.45
CA TYR D 78 28.28 -42.37 16.66
C TYR D 78 26.81 -42.71 16.86
N HIS D 79 26.07 -42.91 15.77
CA HIS D 79 24.63 -43.13 15.90
C HIS D 79 24.31 -44.44 16.61
N GLY D 80 25.20 -45.43 16.52
CA GLY D 80 24.99 -46.69 17.19
C GLY D 80 25.68 -46.79 18.53
N LYS D 81 26.20 -45.69 19.07
CA LYS D 81 26.87 -45.71 20.36
C LYS D 81 26.08 -44.88 21.35
N ALA D 82 26.41 -45.09 22.64
CA ALA D 82 25.72 -44.39 23.72
C ALA D 82 25.83 -42.89 23.52
N ALA D 83 24.82 -42.16 24.02
CA ALA D 83 24.80 -40.71 23.86
C ALA D 83 26.07 -40.08 24.39
N SER D 84 26.60 -40.62 25.50
CA SER D 84 27.73 -39.99 26.16
C SER D 84 29.02 -40.03 25.34
N VAL D 85 29.11 -40.93 24.35
CA VAL D 85 30.35 -41.02 23.58
C VAL D 85 30.53 -39.79 22.69
N VAL D 86 29.52 -39.45 21.87
CA VAL D 86 29.64 -38.28 20.99
C VAL D 86 29.68 -36.99 21.82
N LEU D 87 28.92 -36.92 22.90
CA LEU D 87 28.97 -35.73 23.74
C LEU D 87 30.34 -35.57 24.39
N ASP D 88 30.91 -36.66 24.91
CA ASP D 88 32.24 -36.60 25.51
C ASP D 88 33.30 -36.19 24.49
N ASP D 89 33.14 -36.64 23.25
CA ASP D 89 34.14 -36.29 22.24
C ASP D 89 33.99 -34.83 21.81
N PHE D 90 32.76 -34.34 21.73
CA PHE D 90 32.55 -32.93 21.43
C PHE D 90 33.07 -32.07 22.58
N HIS D 91 32.84 -32.52 23.81
CA HIS D 91 33.31 -31.76 24.97
C HIS D 91 34.84 -31.66 24.98
N SER D 92 35.55 -32.79 24.82
CA SER D 92 37.01 -32.79 24.81
C SER D 92 37.55 -31.90 23.70
N ALA D 93 36.92 -31.93 22.53
CA ALA D 93 37.40 -31.09 21.45
C ALA D 93 37.22 -29.62 21.78
N LEU D 94 36.06 -29.25 22.34
CA LEU D 94 35.83 -27.85 22.66
C LEU D 94 36.70 -27.35 23.79
N VAL D 95 37.02 -28.21 24.76
CA VAL D 95 37.97 -27.83 25.82
C VAL D 95 39.34 -27.51 25.25
N GLU D 96 39.74 -28.21 24.19
CA GLU D 96 41.02 -27.92 23.55
C GLU D 96 41.12 -26.45 23.10
N LYS D 97 40.00 -25.87 22.65
CA LYS D 97 40.01 -24.48 22.17
C LYS D 97 39.69 -23.46 23.25
N TYR D 98 38.70 -23.75 24.10
CA TYR D 98 38.11 -22.76 25.00
C TYR D 98 38.52 -22.94 26.46
N GLY D 99 39.17 -24.04 26.81
CA GLY D 99 39.47 -24.33 28.21
C GLY D 99 38.32 -25.04 28.89
N SER D 100 38.63 -25.65 30.05
CA SER D 100 37.65 -26.51 30.72
C SER D 100 36.56 -25.69 31.43
N ALA D 101 36.92 -24.57 32.04
CA ALA D 101 35.92 -23.78 32.76
C ALA D 101 34.83 -23.27 31.85
N ALA D 102 35.14 -23.01 30.59
CA ALA D 102 34.18 -22.44 29.67
C ALA D 102 33.28 -23.45 28.98
N VAL D 103 33.45 -24.74 29.22
CA VAL D 103 32.74 -25.76 28.44
C VAL D 103 32.07 -26.71 29.42
N ARG D 104 30.76 -26.87 29.30
CA ARG D 104 29.97 -27.66 30.23
C ARG D 104 29.09 -28.68 29.50
N LYS D 105 29.18 -29.93 29.94
CA LYS D 105 28.37 -31.02 29.41
C LYS D 105 26.93 -30.88 29.87
N GLN D 106 26.00 -30.99 28.93
CA GLN D 106 24.58 -30.88 29.18
C GLN D 106 23.90 -32.13 28.64
N ALA D 107 22.58 -32.21 28.85
CA ALA D 107 21.88 -33.47 28.59
C ALA D 107 21.89 -33.80 27.11
N ARG D 108 21.79 -32.78 26.24
CA ARG D 108 21.68 -33.01 24.79
C ARG D 108 22.57 -32.04 24.03
N SER D 109 23.64 -31.57 24.66
CA SER D 109 24.46 -30.55 24.03
C SER D 109 25.68 -30.31 24.91
N ILE D 110 26.65 -29.57 24.36
CA ILE D 110 27.79 -29.03 25.09
C ILE D 110 27.68 -27.51 25.06
N ASN D 111 27.68 -26.89 26.24
CA ASN D 111 27.57 -25.43 26.31
C ASN D 111 28.97 -24.83 26.23
N VAL D 112 29.11 -23.78 25.42
CA VAL D 112 30.35 -23.01 25.31
C VAL D 112 30.08 -21.57 25.73
N ASP D 113 30.73 -21.12 26.80
CA ASP D 113 30.57 -19.76 27.30
C ASP D 113 31.71 -18.89 26.79
N PHE D 114 31.36 -17.68 26.34
CA PHE D 114 32.32 -16.78 25.71
C PHE D 114 32.87 -15.71 26.65
N GLY D 115 32.47 -15.69 27.92
CA GLY D 115 33.09 -14.75 28.84
C GLY D 115 32.73 -13.31 28.57
N VAL D 116 31.54 -13.07 28.06
CA VAL D 116 31.06 -11.75 27.69
C VAL D 116 30.65 -10.96 28.94
N HIS D 117 30.95 -9.65 28.93
CA HIS D 117 30.53 -8.80 30.05
C HIS D 117 29.04 -8.48 29.98
N ILE D 118 28.37 -8.59 31.14
CA ILE D 118 26.96 -8.25 31.29
C ILE D 118 26.86 -7.06 32.23
N ASP D 119 26.17 -5.99 31.78
CA ASP D 119 26.19 -4.74 32.53
C ASP D 119 24.98 -4.63 33.47
N ALA D 120 24.82 -3.47 34.14
CA ALA D 120 23.82 -3.27 35.19
C ALA D 120 22.39 -3.26 34.66
N GLU D 121 22.18 -3.13 33.35
CA GLU D 121 20.84 -3.26 32.80
C GLU D 121 20.69 -4.53 31.98
N ASP D 122 21.55 -5.53 32.24
CA ASP D 122 21.50 -6.81 31.54
C ASP D 122 21.71 -6.66 30.03
N ASN D 123 22.56 -5.69 29.66
CA ASN D 123 23.01 -5.55 28.28
C ASN D 123 24.44 -6.07 28.15
N THR D 124 24.80 -6.45 26.91
CA THR D 124 26.08 -7.07 26.61
C THR D 124 26.77 -6.44 25.40
N ASP D 125 26.36 -5.23 25.01
CA ASP D 125 26.81 -4.61 23.76
C ASP D 125 26.55 -5.54 22.56
N TYR D 126 25.33 -6.09 22.55
CA TYR D 126 24.80 -6.86 21.40
C TYR D 126 25.57 -8.16 21.16
N ARG D 127 26.14 -8.74 22.21
CA ARG D 127 26.88 -10.00 22.13
C ARG D 127 26.13 -11.13 22.81
N VAL D 128 26.23 -12.31 22.21
CA VAL D 128 25.64 -13.52 22.78
C VAL D 128 26.54 -14.06 23.89
N VAL D 129 25.91 -14.67 24.89
CA VAL D 129 26.64 -15.13 26.07
C VAL D 129 27.21 -16.53 25.86
N SER D 130 26.46 -17.43 25.23
CA SER D 130 26.89 -18.82 25.11
C SER D 130 26.05 -19.54 24.06
N VAL D 131 26.59 -20.65 23.57
CA VAL D 131 25.92 -21.52 22.61
C VAL D 131 25.86 -22.93 23.17
N ASP D 132 24.86 -23.69 22.71
CA ASP D 132 24.64 -25.11 23.01
C ASP D 132 24.98 -25.86 21.71
N ALA D 133 26.09 -26.56 21.70
CA ALA D 133 26.53 -27.30 20.51
C ALA D 133 25.92 -28.70 20.52
N VAL D 134 25.16 -29.03 19.46
CA VAL D 134 24.35 -30.24 19.42
C VAL D 134 24.79 -31.15 18.28
N PRO D 135 25.42 -32.31 18.54
CA PRO D 135 25.66 -33.25 17.45
C PRO D 135 24.31 -33.76 16.95
N ALA D 136 24.17 -33.85 15.61
CA ALA D 136 22.87 -34.18 15.05
C ALA D 136 23.02 -35.03 13.79
N PHE D 137 22.11 -35.98 13.64
CA PHE D 137 21.95 -36.74 12.42
C PHE D 137 20.63 -36.34 11.77
N ASP D 138 20.71 -36.02 10.48
CA ASP D 138 19.55 -35.75 9.66
C ASP D 138 19.12 -37.10 9.11
N THR D 139 17.95 -37.60 9.53
CA THR D 139 17.47 -38.89 9.06
C THR D 139 16.41 -38.75 7.98
N GLY D 140 16.19 -37.53 7.48
CA GLY D 140 15.36 -37.32 6.30
C GLY D 140 14.17 -36.44 6.59
N ASP D 141 13.33 -36.89 7.52
CA ASP D 141 12.14 -36.16 7.92
C ASP D 141 12.26 -35.56 9.30
N GLN D 142 13.31 -35.86 10.03
CA GLN D 142 13.53 -35.25 11.34
C GLN D 142 15.03 -35.34 11.64
N TYR D 143 15.43 -34.86 12.81
CA TYR D 143 16.78 -35.00 13.31
C TYR D 143 16.80 -35.96 14.49
N GLU D 144 17.96 -36.55 14.72
CA GLU D 144 18.21 -37.29 15.94
C GLU D 144 19.39 -36.65 16.65
N ILE D 145 19.25 -36.50 17.97
CA ILE D 145 20.26 -35.85 18.83
C ILE D 145 20.49 -36.73 20.05
N PRO D 146 21.62 -36.56 20.74
CA PRO D 146 21.91 -37.42 21.91
C PRO D 146 21.04 -37.08 23.11
N ASP D 147 20.74 -38.12 23.90
CA ASP D 147 19.84 -38.03 25.06
C ASP D 147 20.53 -38.71 26.25
N THR D 148 21.15 -37.89 27.12
CA THR D 148 21.82 -38.43 28.31
C THR D 148 20.87 -39.22 29.21
N ALA D 149 19.65 -38.72 29.42
CA ALA D 149 18.73 -39.38 30.33
C ALA D 149 18.50 -40.86 29.97
N SER D 150 18.28 -41.17 28.68
CA SER D 150 18.08 -42.55 28.26
C SER D 150 19.37 -43.27 27.84
N GLY D 151 20.42 -42.52 27.51
CA GLY D 151 21.66 -43.10 26.99
C GLY D 151 21.65 -43.34 25.50
N LYS D 152 20.58 -42.93 24.80
CA LYS D 152 20.30 -43.21 23.38
C LYS D 152 20.12 -41.90 22.61
N TRP D 153 19.68 -42.03 21.36
CA TRP D 153 19.38 -40.89 20.52
C TRP D 153 17.86 -40.68 20.46
N ILE D 154 17.44 -39.41 20.46
CA ILE D 154 16.03 -39.06 20.42
C ILE D 154 15.72 -38.24 19.18
N LYS D 155 14.47 -38.30 18.75
CA LYS D 155 14.01 -37.62 17.55
C LYS D 155 13.45 -36.25 17.89
N THR D 156 13.67 -35.29 16.97
CA THR D 156 13.25 -33.90 17.14
C THR D 156 13.10 -33.24 15.77
N ASP D 157 12.13 -32.33 15.66
CA ASP D 157 11.94 -31.50 14.48
C ASP D 157 11.64 -30.09 15.00
N PRO D 158 12.68 -29.28 15.19
CA PRO D 158 12.45 -27.91 15.69
C PRO D 158 11.52 -27.10 14.81
N GLU D 159 11.36 -27.49 13.55
CA GLU D 159 10.45 -26.77 12.66
C GLU D 159 9.00 -26.87 13.13
N ILE D 160 8.61 -28.00 13.74
CA ILE D 160 7.27 -28.13 14.29
C ILE D 160 7.07 -27.17 15.45
N HIS D 161 8.09 -27.03 16.31
CA HIS D 161 7.96 -26.11 17.43
C HIS D 161 7.86 -24.68 16.94
N LYS D 162 8.58 -24.34 15.86
CA LYS D 162 8.50 -23.01 15.27
C LYS D 162 7.10 -22.74 14.73
N ASP D 163 6.54 -23.69 13.97
CA ASP D 163 5.18 -23.55 13.46
C ASP D 163 4.17 -23.39 14.58
N LYS D 164 4.30 -24.17 15.66
CA LYS D 164 3.32 -24.09 16.74
C LYS D 164 3.40 -22.75 17.43
N ALA D 165 4.59 -22.22 17.58
CA ALA D 165 4.75 -20.92 18.21
C ALA D 165 4.21 -19.83 17.30
N THR D 166 4.42 -19.95 15.99
CA THR D 166 3.89 -18.96 15.06
C THR D 166 2.37 -18.92 15.12
N ALA D 167 1.74 -20.10 15.21
CA ALA D 167 0.28 -20.14 15.23
C ALA D 167 -0.27 -19.58 16.54
N ALA D 168 0.36 -19.93 17.67
CA ALA D 168 -0.06 -19.39 18.97
C ALA D 168 0.04 -17.88 18.97
N HIS D 169 1.10 -17.36 18.36
CA HIS D 169 1.38 -15.94 18.32
C HIS D 169 0.34 -15.20 17.48
N GLN D 170 -0.01 -15.74 16.31
N GLN D 170 -0.01 -15.74 16.31
CA GLN D 170 -0.98 -15.09 15.44
CA GLN D 170 -0.99 -15.09 15.45
C GLN D 170 -2.37 -15.08 16.07
C GLN D 170 -2.36 -15.09 16.08
N ALA D 171 -2.65 -16.06 16.93
CA ALA D 171 -3.95 -16.11 17.59
C ALA D 171 -3.97 -15.28 18.87
N TYR D 172 -2.88 -14.61 19.21
CA TYR D 172 -2.76 -13.90 20.49
C TYR D 172 -2.41 -12.43 20.25
N ALA D 173 -2.90 -11.90 19.13
CA ALA D 173 -2.65 -10.52 18.73
C ALA D 173 -1.16 -10.19 18.77
N ASN D 174 -0.35 -11.13 18.32
CA ASN D 174 1.10 -10.95 18.23
C ASN D 174 1.75 -10.59 19.56
N GLU D 175 1.19 -11.06 20.69
CA GLU D 175 1.77 -10.88 22.01
C GLU D 175 2.27 -12.15 22.68
N TRP D 176 2.06 -13.34 22.09
CA TRP D 176 2.40 -14.60 22.73
C TRP D 176 3.90 -14.73 22.98
N LYS D 177 4.72 -14.51 21.96
CA LYS D 177 6.15 -14.74 22.09
C LYS D 177 6.75 -13.82 23.15
N GLY D 178 6.27 -12.58 23.22
CA GLY D 178 6.78 -11.64 24.20
C GLY D 178 6.44 -12.07 25.61
N LEU D 179 5.21 -12.56 25.82
CA LEU D 179 4.83 -13.02 27.16
C LEU D 179 5.71 -14.20 27.58
N VAL D 180 6.02 -15.10 26.65
CA VAL D 180 6.92 -16.22 26.93
C VAL D 180 8.32 -15.72 27.31
N ARG D 181 8.86 -14.76 26.54
CA ARG D 181 10.18 -14.22 26.86
C ARG D 181 10.19 -13.54 28.23
N MET D 182 9.09 -12.88 28.62
CA MET D 182 9.04 -12.23 29.92
C MET D 182 9.06 -13.23 31.06
N VAL D 183 8.29 -14.30 30.96
CA VAL D 183 8.30 -15.31 32.02
C VAL D 183 9.63 -16.04 32.06
N LYS D 184 10.27 -16.26 30.90
CA LYS D 184 11.59 -16.86 30.93
C LYS D 184 12.60 -15.92 31.59
N TYR D 185 12.45 -14.61 31.39
CA TYR D 185 13.31 -13.65 32.09
C TYR D 185 13.17 -13.79 33.59
N TRP D 186 11.93 -13.87 34.07
CA TRP D 186 11.68 -14.10 35.50
C TRP D 186 12.29 -15.42 35.95
N ASN D 187 12.16 -16.47 35.12
CA ASN D 187 12.68 -17.79 35.49
C ASN D 187 14.20 -17.79 35.65
N ASN D 188 14.91 -16.92 34.92
CA ASN D 188 16.37 -16.78 35.01
C ASN D 188 16.85 -15.84 36.10
N ASN D 189 15.93 -15.24 36.84
CA ASN D 189 16.28 -14.21 37.82
C ASN D 189 17.19 -14.79 38.91
N PRO D 190 18.39 -14.23 39.11
CA PRO D 190 19.27 -14.75 40.18
C PRO D 190 18.69 -14.72 41.59
N LYS D 191 17.63 -13.95 41.85
CA LYS D 191 17.00 -13.94 43.17
C LYS D 191 16.50 -15.32 43.59
N HIS D 192 16.23 -16.24 42.65
CA HIS D 192 15.79 -17.58 42.98
C HIS D 192 16.93 -18.53 43.36
N GLY D 193 18.17 -18.09 43.24
CA GLY D 193 19.29 -18.92 43.57
C GLY D 193 19.93 -19.47 42.31
N ASP D 194 20.61 -20.59 42.46
CA ASP D 194 21.28 -21.17 41.30
C ASP D 194 20.43 -22.19 40.58
N LEU D 195 19.23 -22.49 41.08
CA LEU D 195 18.32 -23.42 40.44
C LEU D 195 17.08 -22.69 39.98
N LYS D 196 16.83 -22.71 38.68
CA LYS D 196 15.68 -21.98 38.17
C LYS D 196 14.38 -22.55 38.72
N PRO D 197 13.35 -21.72 38.84
CA PRO D 197 12.04 -22.27 39.22
C PRO D 197 11.59 -23.39 38.32
N VAL D 198 11.72 -23.25 37.00
CA VAL D 198 11.24 -24.24 36.04
C VAL D 198 12.42 -24.73 35.20
N LYS D 199 12.68 -26.03 35.21
CA LYS D 199 13.72 -26.69 34.44
C LYS D 199 13.07 -27.72 33.51
N PRO D 200 13.31 -27.66 32.18
CA PRO D 200 14.09 -26.64 31.51
C PRO D 200 13.26 -25.38 31.21
N SER D 201 13.96 -24.29 30.86
CA SER D 201 13.30 -23.09 30.35
C SER D 201 12.31 -23.40 29.22
N PHE D 202 12.65 -24.34 28.35
CA PHE D 202 11.79 -24.64 27.21
C PHE D 202 10.40 -25.09 27.65
N LEU D 203 10.28 -25.63 28.88
CA LEU D 203 8.97 -26.08 29.39
C LEU D 203 7.99 -24.92 29.56
N ILE D 204 8.48 -23.74 29.92
CA ILE D 204 7.59 -22.58 29.97
C ILE D 204 6.90 -22.38 28.62
N GLU D 205 7.68 -22.46 27.53
CA GLU D 205 7.12 -22.27 26.19
C GLU D 205 6.18 -23.41 25.80
N VAL D 206 6.54 -24.65 26.10
CA VAL D 206 5.66 -25.76 25.83
C VAL D 206 4.34 -25.60 26.55
N MET D 207 4.42 -25.29 27.85
CA MET D 207 3.23 -25.05 28.66
C MET D 207 2.41 -23.90 28.10
N ALA D 208 3.06 -22.84 27.60
CA ALA D 208 2.34 -21.66 27.17
C ALA D 208 1.47 -21.91 25.94
N LEU D 209 1.80 -22.93 25.13
CA LEU D 209 0.96 -23.31 23.99
C LEU D 209 -0.48 -23.60 24.43
N GLU D 210 -0.68 -24.05 25.67
CA GLU D 210 -2.02 -24.28 26.21
C GLU D 210 -2.39 -23.36 27.36
N CYS D 211 -1.43 -22.84 28.13
CA CYS D 211 -1.75 -22.03 29.30
C CYS D 211 -2.08 -20.60 28.93
N LEU D 212 -1.75 -20.17 27.71
CA LEU D 212 -2.27 -18.94 27.13
C LEU D 212 -3.36 -19.36 26.14
N TYR D 213 -4.59 -18.87 26.34
CA TYR D 213 -5.74 -19.27 25.54
C TYR D 213 -6.74 -18.12 25.46
N GLY D 214 -7.70 -18.25 24.55
CA GLY D 214 -8.78 -17.31 24.42
C GLY D 214 -8.38 -15.97 23.83
N GLY D 215 -7.19 -15.89 23.22
CA GLY D 215 -6.74 -14.65 22.63
C GLY D 215 -6.28 -13.65 23.69
N TRP D 216 -5.76 -12.53 23.18
CA TRP D 216 -5.25 -11.48 24.05
C TRP D 216 -6.38 -10.74 24.72
N GLY D 217 -6.28 -10.59 26.05
CA GLY D 217 -7.33 -9.98 26.85
C GLY D 217 -7.32 -8.46 26.95
N GLY D 218 -6.24 -7.79 26.57
CA GLY D 218 -6.17 -6.33 26.56
C GLY D 218 -5.09 -5.71 27.42
N SER D 219 -4.57 -6.40 28.45
CA SER D 219 -3.61 -5.80 29.39
C SER D 219 -2.45 -6.75 29.66
N PHE D 220 -1.21 -6.24 29.57
CA PHE D 220 -0.06 -7.04 29.94
C PHE D 220 -0.14 -7.47 31.40
N ASP D 221 -0.54 -6.57 32.31
CA ASP D 221 -0.43 -6.92 33.71
C ASP D 221 -1.34 -8.09 34.06
N ARG D 222 -2.59 -8.05 33.59
CA ARG D 222 -3.56 -9.12 33.79
C ARG D 222 -3.12 -10.40 33.10
N GLU D 223 -2.57 -10.30 31.89
CA GLU D 223 -2.14 -11.49 31.18
C GLU D 223 -0.99 -12.19 31.92
N ILE D 224 -0.03 -11.41 32.44
CA ILE D 224 1.09 -12.03 33.13
C ILE D 224 0.62 -12.68 34.43
N GLN D 225 -0.22 -11.98 35.19
CA GLN D 225 -0.74 -12.56 36.43
C GLN D 225 -1.45 -13.87 36.16
N SER D 226 -2.37 -13.89 35.19
CA SER D 226 -3.13 -15.09 34.86
C SER D 226 -2.21 -16.19 34.33
N PHE D 227 -1.22 -15.81 33.53
CA PHE D 227 -0.31 -16.80 33.00
C PHE D 227 0.47 -17.47 34.14
N PHE D 228 0.98 -16.68 35.10
CA PHE D 228 1.69 -17.27 36.24
C PHE D 228 0.79 -18.19 37.05
N ALA D 229 -0.48 -17.79 37.24
CA ALA D 229 -1.39 -18.62 38.02
C ALA D 229 -1.68 -19.94 37.33
N THR D 230 -1.85 -19.91 36.00
CA THR D 230 -2.14 -21.13 35.26
C THR D 230 -0.91 -22.05 35.18
N LEU D 231 0.28 -21.48 34.98
CA LEU D 231 1.50 -22.28 35.04
C LEU D 231 1.61 -23.01 36.37
N ALA D 232 1.36 -22.31 37.47
CA ALA D 232 1.50 -22.94 38.77
C ALA D 232 0.55 -24.11 38.91
N ASP D 233 -0.68 -23.96 38.41
CA ASP D 233 -1.68 -25.03 38.54
C ASP D 233 -1.42 -26.21 37.60
N ARG D 234 -0.65 -26.01 36.55
CA ARG D 234 -0.48 -27.06 35.55
C ARG D 234 0.93 -27.62 35.49
N VAL D 235 1.84 -27.15 36.34
CA VAL D 235 3.23 -27.59 36.22
C VAL D 235 3.40 -29.06 36.58
N HIS D 236 2.42 -29.65 37.27
CA HIS D 236 2.44 -31.06 37.63
C HIS D 236 1.83 -31.96 36.57
N ASP D 237 1.20 -31.39 35.55
CA ASP D 237 0.65 -32.20 34.48
C ASP D 237 1.77 -32.76 33.61
N GLU D 238 1.45 -33.83 32.88
CA GLU D 238 2.39 -34.33 31.88
C GLU D 238 2.43 -33.40 30.66
N TRP D 239 3.64 -32.99 30.24
CA TRP D 239 3.83 -32.14 29.06
C TRP D 239 4.66 -32.88 28.01
N PRO D 240 4.04 -33.57 27.06
CA PRO D 240 4.83 -34.23 26.02
C PRO D 240 5.44 -33.22 25.06
N ASP D 241 6.39 -33.68 24.27
CA ASP D 241 6.92 -32.91 23.15
C ASP D 241 5.74 -32.51 22.27
N PRO D 242 5.52 -31.21 22.01
CA PRO D 242 4.38 -30.82 21.16
C PRO D 242 4.38 -31.47 19.79
N ALA D 243 5.56 -31.77 19.27
CA ALA D 243 5.70 -32.41 17.97
C ALA D 243 5.44 -33.90 18.00
N GLY D 244 5.39 -34.51 19.18
CA GLY D 244 5.12 -35.92 19.30
C GLY D 244 6.27 -36.82 18.91
N LEU D 245 7.51 -36.31 19.00
CA LEU D 245 8.69 -37.03 18.55
C LEU D 245 9.65 -37.45 19.65
N GLY D 246 9.93 -36.56 20.60
CA GLY D 246 10.88 -36.83 21.64
C GLY D 246 10.23 -37.18 22.96
N PRO D 247 11.06 -37.35 24.00
CA PRO D 247 10.53 -37.67 25.33
C PRO D 247 9.84 -36.48 25.95
N ALA D 248 9.11 -36.74 27.02
CA ALA D 248 8.31 -35.68 27.63
C ALA D 248 9.21 -34.57 28.16
N ILE D 249 8.71 -33.33 28.12
CA ILE D 249 9.50 -32.17 28.50
C ILE D 249 9.49 -31.97 30.01
N SER D 250 8.48 -32.53 30.68
CA SER D 250 8.27 -32.34 32.11
C SER D 250 8.97 -33.37 33.00
N ASN D 251 9.92 -34.16 32.48
CA ASN D 251 10.55 -35.18 33.30
C ASN D 251 11.93 -34.80 33.84
N ASP D 252 12.32 -33.53 33.80
CA ASP D 252 13.65 -33.13 34.25
C ASP D 252 13.68 -32.63 35.69
N MET D 253 12.52 -32.49 36.33
CA MET D 253 12.41 -32.05 37.71
C MET D 253 11.86 -33.20 38.55
N ASP D 254 12.48 -33.46 39.68
CA ASP D 254 11.93 -34.44 40.62
C ASP D 254 10.77 -33.82 41.43
N ALA D 255 10.16 -34.64 42.30
CA ALA D 255 8.96 -34.18 42.99
C ALA D 255 9.22 -32.91 43.78
N ALA D 256 10.28 -32.89 44.58
CA ALA D 256 10.57 -31.70 45.36
C ALA D 256 10.76 -30.48 44.47
N ARG D 257 11.46 -30.66 43.34
CA ARG D 257 11.69 -29.58 42.40
C ARG D 257 10.39 -29.08 41.77
N LYS D 258 9.48 -29.99 41.43
CA LYS D 258 8.20 -29.56 40.83
C LYS D 258 7.33 -28.88 41.87
N GLN D 259 7.37 -29.36 43.10
CA GLN D 259 6.69 -28.65 44.19
C GLN D 259 7.24 -27.24 44.34
N ARG D 260 8.56 -27.09 44.26
CA ARG D 260 9.17 -25.76 44.31
C ARG D 260 8.74 -24.91 43.13
N ALA D 261 8.70 -25.50 41.93
CA ALA D 261 8.23 -24.74 40.76
C ALA D 261 6.84 -24.17 41.00
N GLN D 262 5.92 -25.00 41.51
CA GLN D 262 4.56 -24.53 41.71
C GLN D 262 4.54 -23.39 42.73
N GLN D 263 5.31 -23.53 43.79
CA GLN D 263 5.31 -22.53 44.85
C GLN D 263 5.79 -21.19 44.31
N LEU D 264 6.91 -21.20 43.59
CA LEU D 264 7.48 -19.96 43.06
C LEU D 264 6.63 -19.34 41.95
N LEU D 265 6.06 -20.17 41.07
CA LEU D 265 5.10 -19.64 40.09
C LEU D 265 3.91 -18.98 40.79
N PHE D 266 3.37 -19.61 41.82
CA PHE D 266 2.23 -19.04 42.53
C PHE D 266 2.60 -17.74 43.24
N GLN D 267 3.77 -17.71 43.88
CA GLN D 267 4.29 -16.47 44.43
C GLN D 267 4.37 -15.37 43.37
N ALA D 268 4.83 -15.70 42.16
CA ALA D 268 4.89 -14.69 41.13
C ALA D 268 3.49 -14.17 40.79
N SER D 269 2.50 -15.06 40.77
N SER D 269 2.51 -15.06 40.76
CA SER D 269 1.13 -14.60 40.53
CA SER D 269 1.14 -14.61 40.53
C SER D 269 0.65 -13.67 41.64
C SER D 269 0.68 -13.66 41.63
N GLN D 270 1.07 -13.92 42.88
CA GLN D 270 0.69 -13.05 43.97
C GLN D 270 1.39 -11.70 43.87
N ASP D 271 2.69 -11.73 43.55
CA ASP D 271 3.41 -10.48 43.33
C ASP D 271 2.77 -9.66 42.20
N ALA D 272 2.34 -10.33 41.13
CA ALA D 272 1.69 -9.66 40.00
C ALA D 272 0.37 -9.04 40.39
N SER D 273 -0.43 -9.76 41.20
CA SER D 273 -1.67 -9.21 41.72
C SER D 273 -1.41 -7.92 42.50
N ILE D 274 -0.33 -7.89 43.28
CA ILE D 274 0.00 -6.69 44.04
C ILE D 274 0.29 -5.52 43.11
N ALA D 275 1.00 -5.78 42.01
CA ALA D 275 1.32 -4.72 41.07
C ALA D 275 0.08 -4.25 40.32
N ILE D 276 -0.83 -5.18 40.00
CA ILE D 276 -2.11 -4.81 39.42
C ILE D 276 -2.89 -3.92 40.39
N ASP D 277 -2.88 -4.27 41.67
CA ASP D 277 -3.62 -3.47 42.65
C ASP D 277 -3.09 -2.04 42.69
N HIS D 278 -1.76 -1.88 42.72
CA HIS D 278 -1.19 -0.53 42.67
C HIS D 278 -1.72 0.24 41.47
N ALA D 279 -1.62 -0.35 40.27
CA ALA D 279 -2.07 0.29 39.04
C ALA D 279 -3.56 0.66 39.07
N ARG D 280 -4.43 -0.30 39.45
CA ARG D 280 -5.86 -0.05 39.44
C ARG D 280 -6.26 1.04 40.42
N ARG D 281 -5.45 1.29 41.43
CA ARG D 281 -5.69 2.40 42.35
C ARG D 281 -4.90 3.65 41.97
N GLY D 282 -4.29 3.68 40.79
CA GLY D 282 -3.62 4.88 40.33
C GLY D 282 -2.25 5.12 40.93
N ARG D 283 -1.65 4.10 41.51
CA ARG D 283 -0.29 4.17 42.05
C ARG D 283 0.68 3.63 41.00
N ASN D 284 0.89 4.44 39.96
CA ASN D 284 1.61 3.96 38.79
C ASN D 284 3.07 3.66 39.12
N ILE D 285 3.76 4.58 39.82
CA ILE D 285 5.15 4.37 40.19
C ILE D 285 5.31 3.12 41.06
N GLU D 286 4.41 2.94 42.03
CA GLU D 286 4.44 1.74 42.87
C GLU D 286 4.28 0.46 42.04
N ALA D 287 3.40 0.48 41.04
CA ALA D 287 3.22 -0.67 40.17
C ALA D 287 4.49 -0.97 39.36
N LEU D 288 5.12 0.05 38.80
CA LEU D 288 6.36 -0.16 38.04
C LEU D 288 7.44 -0.78 38.91
N ARG D 289 7.60 -0.27 40.13
CA ARG D 289 8.58 -0.85 41.05
C ARG D 289 8.23 -2.29 41.39
N ALA D 290 6.94 -2.61 41.58
CA ALA D 290 6.56 -3.99 41.88
C ALA D 290 6.95 -4.91 40.73
N TRP D 291 6.67 -4.47 39.50
CA TRP D 291 7.03 -5.26 38.33
C TRP D 291 8.53 -5.41 38.19
N ARG D 292 9.30 -4.35 38.48
CA ARG D 292 10.75 -4.44 38.41
C ARG D 292 11.30 -5.44 39.43
N ALA D 293 10.76 -5.43 40.66
CA ALA D 293 11.18 -6.41 41.65
C ALA D 293 10.89 -7.84 41.20
N LEU D 294 9.81 -8.04 40.46
CA LEU D 294 9.47 -9.39 39.99
C LEU D 294 10.44 -9.85 38.89
N PHE D 295 10.65 -9.02 37.85
CA PHE D 295 11.35 -9.42 36.62
C PHE D 295 12.87 -9.29 36.73
N GLY D 296 13.36 -8.15 37.21
CA GLY D 296 14.76 -7.81 37.11
C GLY D 296 15.04 -6.52 36.35
N PRO D 297 16.33 -6.20 36.14
CA PRO D 297 16.72 -4.83 35.74
C PRO D 297 16.31 -4.41 34.34
N LYS D 298 16.01 -5.36 33.46
CA LYS D 298 15.56 -4.99 32.12
C LYS D 298 14.18 -4.40 32.10
N PHE D 299 13.39 -4.58 33.16
CA PHE D 299 12.07 -3.96 33.19
C PHE D 299 12.24 -2.47 33.47
N PRO D 300 11.67 -1.58 32.65
CA PRO D 300 12.01 -0.15 32.77
C PRO D 300 11.24 0.51 33.89
N LEU D 301 11.92 1.40 34.60
CA LEU D 301 11.23 2.24 35.59
C LEU D 301 10.89 3.61 35.05
N SER D 302 11.67 4.09 34.09
CA SER D 302 11.46 5.41 33.51
C SER D 302 12.02 5.46 32.10
#